data_6MS3
#
_entry.id   6MS3
#
_cell.length_a   82.126
_cell.length_b   82.126
_cell.length_c   173.236
_cell.angle_alpha   90.000
_cell.angle_beta   90.000
_cell.angle_gamma   90.000
#
_symmetry.space_group_name_H-M   'P 43'
#
loop_
_entity.id
_entity.type
_entity.pdbx_description
1 polymer 'Glycoside Hydrolase Family 43'
2 non-polymer 'CALCIUM ION'
3 non-polymer 'SULFATE ION'
4 non-polymer GLYCEROL
5 non-polymer IMIDAZOLE
6 water water
#
_entity_poly.entity_id   1
_entity_poly.type   'polypeptide(L)'
_entity_poly.pdbx_seq_one_letter_code
;MGSSHHHHHHSSGLVPRGSHMASMSGEHTYTNPVLTGFHPDPSIIRVGEDYYMVNSTFQYFPAIVISHSKDLVHWKIIGH
GITENEGLDLSDINDSHGIWAPDISYHNGTFYIFATHRLNGPTVINGRKLIRRQIMIKSSRPEGPYSKPVFIDEGSGIDP
SHFVDGDGKHYMLLSPACTLFPLNEECTDISGEPVQIWEGTGRRAPEGPHLLKKDGYYYAILAEGGTGYSHSITTARSTH
LYGPYEPCPYNPILTQTDPDAPIQRAGHGSLVETQNGEWWAVYLCGRPNQGSYTTVGRETALDPVEWTDDGWFVINNLKG
PSLVQRAPNLPQVKWDEKNFDDFDEDTLGLDWQFVRNPDHSSWSLIERPGYLRLWTGDWDLHDIRAKNTVVRREKHHLYS
AGVKLDFSPSASGEQAGIVCYYSTNNYLKCCLIYEEGLKIKVVENRSGCQKTLGKKHAEAGPLFLKAVINKQKRDFYYSY
EGKHWHHAGGTEDASFLSDEGSRDAKGHTGTMVGIFANNGGSGRKAAADFDWFRYIAY
;
_entity_poly.pdbx_strand_id   A,B
#
loop_
_chem_comp.id
_chem_comp.type
_chem_comp.name
_chem_comp.formula
CA non-polymer 'CALCIUM ION' 'Ca 2'
GOL non-polymer GLYCEROL 'C3 H8 O3'
IMD non-polymer IMIDAZOLE 'C3 H5 N2 1'
SO4 non-polymer 'SULFATE ION' 'O4 S -2'
#
# COMPACT_ATOMS: atom_id res chain seq x y z
N GLU A 27 9.88 -26.52 -5.07
CA GLU A 27 8.68 -26.33 -5.88
C GLU A 27 8.35 -24.86 -6.05
N HIS A 28 9.10 -24.01 -5.34
CA HIS A 28 8.86 -22.57 -5.35
C HIS A 28 10.10 -21.85 -5.89
N THR A 29 9.94 -20.56 -6.12
CA THR A 29 11.05 -19.67 -6.39
C THR A 29 11.07 -18.54 -5.36
N TYR A 30 12.17 -17.81 -5.33
CA TYR A 30 12.29 -16.61 -4.52
C TYR A 30 13.06 -15.56 -5.30
N THR A 31 12.90 -14.31 -4.91
CA THR A 31 13.62 -13.19 -5.49
C THR A 31 14.51 -12.56 -4.44
N ASN A 32 15.78 -12.39 -4.76
CA ASN A 32 16.72 -11.69 -3.87
C ASN A 32 16.38 -10.21 -3.77
N PRO A 33 16.73 -9.58 -2.65
CA PRO A 33 17.28 -10.18 -1.42
C PRO A 33 16.19 -10.88 -0.64
N VAL A 34 16.55 -11.85 0.21
CA VAL A 34 15.56 -12.55 1.00
C VAL A 34 15.31 -11.89 2.35
N LEU A 35 16.26 -11.11 2.85
CA LEU A 35 16.07 -10.32 4.07
C LEU A 35 16.32 -8.87 3.68
N THR A 36 15.25 -8.15 3.41
CA THR A 36 15.34 -6.83 2.80
C THR A 36 15.48 -5.74 3.85
N GLY A 37 15.92 -4.57 3.40
CA GLY A 37 16.27 -3.51 4.32
C GLY A 37 17.62 -3.72 4.95
N PHE A 38 17.96 -2.79 5.85
CA PHE A 38 19.25 -2.69 6.51
C PHE A 38 19.67 -3.99 7.20
N HIS A 39 20.35 -4.86 6.47
CA HIS A 39 20.82 -6.15 7.00
C HIS A 39 22.16 -6.51 6.35
N PRO A 40 23.23 -5.84 6.73
CA PRO A 40 24.54 -6.13 6.14
C PRO A 40 25.25 -7.26 6.87
N ASP A 41 26.33 -7.74 6.24
CA ASP A 41 27.27 -8.66 6.87
C ASP A 41 26.59 -9.89 7.49
N PRO A 42 25.87 -10.68 6.70
CA PRO A 42 25.13 -11.80 7.29
C PRO A 42 26.06 -12.94 7.68
N SER A 43 25.77 -13.54 8.84
CA SER A 43 26.42 -14.76 9.30
C SER A 43 25.35 -15.73 9.76
N ILE A 44 25.39 -16.95 9.24
CA ILE A 44 24.28 -17.90 9.38
C ILE A 44 24.77 -19.22 9.96
N ILE A 45 23.88 -19.86 10.74
CA ILE A 45 24.10 -21.23 11.22
C ILE A 45 22.80 -21.99 11.10
N ARG A 46 22.92 -23.31 11.02
CA ARG A 46 21.78 -24.22 11.17
C ARG A 46 21.96 -25.00 12.46
N VAL A 47 20.88 -25.08 13.25
CA VAL A 47 20.79 -25.97 14.39
C VAL A 47 19.54 -26.81 14.19
N GLY A 48 19.72 -28.08 13.90
CA GLY A 48 18.56 -28.95 13.66
C GLY A 48 17.81 -28.51 12.42
N GLU A 49 16.52 -28.20 12.59
CA GLU A 49 15.69 -27.71 11.49
C GLU A 49 15.59 -26.19 11.47
N ASP A 50 16.37 -25.49 12.30
CA ASP A 50 16.27 -24.05 12.45
C ASP A 50 17.52 -23.36 11.92
N TYR A 51 17.33 -22.18 11.34
CA TYR A 51 18.41 -21.35 10.84
C TYR A 51 18.41 -20.03 11.58
N TYR A 52 19.61 -19.59 11.97
CA TYR A 52 19.78 -18.34 12.71
C TYR A 52 20.83 -17.49 12.03
N MET A 53 20.59 -16.18 11.97
CA MET A 53 21.43 -15.26 11.24
C MET A 53 21.57 -13.95 12.00
N VAL A 54 22.77 -13.38 11.99
CA VAL A 54 23.04 -12.09 12.60
C VAL A 54 23.49 -11.11 11.53
N ASN A 55 23.20 -9.83 11.74
CA ASN A 55 23.60 -8.75 10.86
C ASN A 55 24.16 -7.59 11.69
N SER A 56 25.06 -6.83 11.09
CA SER A 56 25.67 -5.70 11.77
C SER A 56 24.65 -4.58 11.98
N THR A 57 24.87 -3.78 13.03
CA THR A 57 23.93 -2.72 13.39
C THR A 57 24.56 -1.37 13.67
N PHE A 58 25.90 -1.27 13.73
CA PHE A 58 26.61 0.02 13.72
C PHE A 58 26.15 0.86 14.91
N GLN A 59 25.52 2.02 14.71
CA GLN A 59 25.13 2.86 15.83
C GLN A 59 23.74 2.53 16.38
N TYR A 60 23.06 1.54 15.84
CA TYR A 60 21.71 1.24 16.27
C TYR A 60 21.71 0.32 17.48
N PHE A 61 20.69 0.46 18.31
CA PHE A 61 20.55 -0.30 19.54
C PHE A 61 19.10 -0.76 19.68
N PRO A 62 18.88 -2.00 20.16
CA PRO A 62 19.84 -3.02 20.59
C PRO A 62 20.76 -3.49 19.46
N ALA A 63 21.95 -3.97 19.80
CA ALA A 63 23.00 -4.24 18.83
C ALA A 63 22.99 -5.71 18.41
N ILE A 64 23.35 -5.93 17.14
CA ILE A 64 23.42 -7.25 16.51
C ILE A 64 22.02 -7.86 16.41
N VAL A 65 21.37 -7.67 15.28
CA VAL A 65 20.03 -8.21 15.09
C VAL A 65 20.13 -9.70 14.78
N ILE A 66 19.28 -10.49 15.43
CA ILE A 66 19.25 -11.94 15.31
C ILE A 66 17.94 -12.34 14.65
N SER A 67 18.03 -13.09 13.56
CA SER A 67 16.85 -13.50 12.80
C SER A 67 16.79 -15.01 12.71
N HIS A 68 15.59 -15.52 12.44
CA HIS A 68 15.31 -16.94 12.41
C HIS A 68 14.53 -17.27 11.14
N SER A 69 14.80 -18.47 10.61
CA SER A 69 14.12 -18.93 9.40
C SER A 69 14.08 -20.44 9.43
N LYS A 70 13.09 -21.01 8.75
CA LYS A 70 13.07 -22.44 8.53
C LYS A 70 13.29 -22.82 7.08
N ASP A 71 13.08 -21.90 6.13
CA ASP A 71 13.20 -22.21 4.71
C ASP A 71 14.28 -21.39 4.01
N LEU A 72 15.06 -20.59 4.76
CA LEU A 72 16.14 -19.75 4.27
C LEU A 72 15.66 -18.56 3.45
N VAL A 73 14.36 -18.48 3.17
CA VAL A 73 13.78 -17.41 2.37
C VAL A 73 13.03 -16.40 3.21
N HIS A 74 12.24 -16.86 4.17
CA HIS A 74 11.42 -15.99 5.00
C HIS A 74 12.05 -15.88 6.39
N TRP A 75 12.36 -14.65 6.80
CA TRP A 75 13.11 -14.39 8.03
C TRP A 75 12.29 -13.49 8.94
N LYS A 76 12.40 -13.73 10.25
CA LYS A 76 11.84 -12.82 11.22
C LYS A 76 12.86 -12.57 12.33
N ILE A 77 12.87 -11.32 12.82
CA ILE A 77 13.75 -10.98 13.92
C ILE A 77 13.23 -11.65 15.18
N ILE A 78 14.13 -12.32 15.90
CA ILE A 78 13.79 -12.96 17.17
C ILE A 78 14.50 -12.32 18.36
N GLY A 79 15.45 -11.43 18.14
CA GLY A 79 16.08 -10.74 19.23
C GLY A 79 17.33 -10.01 18.77
N HIS A 80 18.09 -9.52 19.75
CA HIS A 80 19.34 -8.84 19.47
C HIS A 80 20.40 -9.34 20.44
N GLY A 81 21.67 -9.22 20.02
CA GLY A 81 22.75 -9.71 20.84
C GLY A 81 22.95 -8.90 22.11
N ILE A 82 22.85 -7.57 22.01
CA ILE A 82 23.16 -6.68 23.12
C ILE A 82 21.95 -5.79 23.34
N THR A 83 21.27 -5.99 24.48
CA THR A 83 20.02 -5.30 24.76
C THR A 83 20.08 -4.35 25.96
N GLU A 84 21.11 -4.43 26.80
CA GLU A 84 21.20 -3.61 28.00
C GLU A 84 22.22 -2.50 27.76
N ASN A 85 21.85 -1.27 28.17
CA ASN A 85 22.71 -0.12 27.94
C ASN A 85 24.08 -0.28 28.62
N GLU A 86 24.13 -0.96 29.76
CA GLU A 86 25.40 -1.14 30.47
C GLU A 86 26.36 -2.03 29.71
N GLY A 87 25.88 -2.80 28.74
CA GLY A 87 26.76 -3.70 28.01
C GLY A 87 27.53 -3.05 26.89
N LEU A 88 27.01 -1.96 26.33
CA LEU A 88 27.67 -1.29 25.22
C LEU A 88 27.16 0.14 25.12
N ASP A 89 28.07 1.11 25.19
CA ASP A 89 27.72 2.53 25.14
C ASP A 89 27.93 3.03 23.72
N LEU A 90 26.85 3.26 23.00
CA LEU A 90 26.89 3.86 21.67
C LEU A 90 26.46 5.32 21.67
N SER A 91 26.23 5.91 22.84
CA SER A 91 25.63 7.24 22.89
C SER A 91 26.47 8.28 22.17
N ASP A 92 27.79 8.07 22.10
CA ASP A 92 28.70 9.02 21.47
C ASP A 92 29.43 8.40 20.27
N ILE A 93 29.02 7.22 19.82
CA ILE A 93 29.67 6.56 18.70
C ILE A 93 29.23 7.22 17.40
N ASN A 94 30.19 7.46 16.52
CA ASN A 94 29.92 8.17 15.28
C ASN A 94 29.11 7.33 14.30
N ASP A 95 28.46 8.01 13.36
CA ASP A 95 27.67 7.36 12.32
C ASP A 95 28.48 6.29 11.60
N SER A 96 27.89 5.10 11.47
CA SER A 96 28.46 3.94 10.81
C SER A 96 29.73 3.42 11.49
N HIS A 97 29.99 3.82 12.74
CA HIS A 97 30.99 3.17 13.56
C HIS A 97 30.24 2.15 14.42
N GLY A 98 30.78 1.77 15.56
CA GLY A 98 30.05 0.85 16.40
C GLY A 98 30.18 -0.59 15.92
N ILE A 99 29.06 -1.33 15.93
CA ILE A 99 29.07 -2.78 15.76
C ILE A 99 29.11 -3.12 14.27
N TRP A 100 30.22 -3.72 13.83
CA TRP A 100 30.41 -4.10 12.45
C TRP A 100 30.03 -5.58 12.27
N ALA A 101 30.60 -6.23 11.25
CA ALA A 101 30.21 -7.58 10.85
C ALA A 101 30.16 -8.53 12.05
N PRO A 102 29.00 -9.09 12.37
CA PRO A 102 28.92 -10.09 13.44
C PRO A 102 29.07 -11.50 12.88
N ASP A 103 29.47 -12.41 13.77
CA ASP A 103 29.65 -13.81 13.42
C ASP A 103 28.96 -14.65 14.49
N ILE A 104 28.04 -15.50 14.09
CA ILE A 104 27.34 -16.38 15.01
C ILE A 104 27.81 -17.81 14.78
N SER A 105 27.93 -18.57 15.86
CA SER A 105 28.35 -19.96 15.78
C SER A 105 27.75 -20.71 16.96
N TYR A 106 27.73 -22.04 16.82
CA TYR A 106 27.13 -22.91 17.83
C TYR A 106 28.06 -24.08 18.06
N HIS A 107 28.40 -24.35 19.32
CA HIS A 107 29.30 -25.45 19.64
C HIS A 107 29.02 -25.92 21.06
N ASN A 108 28.65 -27.20 21.20
CA ASN A 108 28.42 -27.84 22.49
C ASN A 108 27.41 -27.08 23.34
N GLY A 109 26.28 -26.73 22.73
CA GLY A 109 25.17 -26.11 23.42
C GLY A 109 25.32 -24.63 23.69
N THR A 110 26.39 -23.99 23.22
CA THR A 110 26.59 -22.57 23.43
C THR A 110 26.58 -21.84 22.09
N PHE A 111 25.80 -20.77 22.01
CA PHE A 111 25.81 -19.89 20.85
C PHE A 111 26.80 -18.75 21.13
N TYR A 112 27.75 -18.56 20.21
CA TYR A 112 28.75 -17.51 20.31
C TYR A 112 28.47 -16.45 19.24
N ILE A 113 28.62 -15.18 19.60
CA ILE A 113 28.60 -14.09 18.63
C ILE A 113 29.83 -13.23 18.84
N PHE A 114 30.62 -13.05 17.79
CA PHE A 114 31.75 -12.13 17.76
C PHE A 114 31.44 -10.99 16.80
N ALA A 115 31.97 -9.81 17.12
CA ALA A 115 31.85 -8.67 16.21
C ALA A 115 32.90 -7.64 16.58
N THR A 116 33.36 -6.90 15.57
CA THR A 116 34.19 -5.75 15.81
C THR A 116 33.33 -4.59 16.30
N HIS A 117 33.82 -3.90 17.33
CA HIS A 117 33.26 -2.63 17.78
C HIS A 117 34.23 -1.54 17.33
N ARG A 118 33.82 -0.74 16.35
CA ARG A 118 34.67 0.28 15.76
C ARG A 118 34.53 1.58 16.56
N LEU A 119 35.63 2.03 17.16
CA LEU A 119 35.60 3.23 17.96
C LEU A 119 35.69 4.47 17.07
N ASN A 120 35.44 5.64 17.66
CA ASN A 120 35.45 6.88 16.88
C ASN A 120 36.84 7.22 16.37
N GLY A 121 37.88 6.78 17.07
CA GLY A 121 39.24 7.07 16.67
C GLY A 121 40.21 6.44 17.65
N PRO A 122 41.49 6.82 17.56
CA PRO A 122 42.51 6.21 18.44
C PRO A 122 42.17 6.45 19.90
N THR A 123 42.03 5.35 20.64
CA THR A 123 41.67 5.39 22.05
C THR A 123 42.67 4.54 22.80
N VAL A 124 43.22 5.09 23.89
CA VAL A 124 44.12 4.30 24.72
C VAL A 124 43.26 3.50 25.71
N ILE A 125 43.43 2.18 25.70
CA ILE A 125 42.66 1.27 26.53
C ILE A 125 43.64 0.33 27.20
N ASN A 126 43.66 0.36 28.54
CA ASN A 126 44.62 -0.42 29.33
C ASN A 126 46.03 -0.25 28.79
N GLY A 127 46.40 1.01 28.59
CA GLY A 127 47.73 1.39 28.15
C GLY A 127 47.97 1.35 26.65
N ARG A 128 46.99 0.93 25.84
CA ARG A 128 47.26 0.59 24.45
C ARG A 128 46.33 1.33 23.49
N LYS A 129 46.85 1.59 22.29
CA LYS A 129 46.19 2.40 21.28
C LYS A 129 45.33 1.51 20.40
N LEU A 130 44.02 1.73 20.42
CA LEU A 130 43.09 0.96 19.62
C LEU A 130 42.10 1.88 18.91
N ILE A 131 41.71 1.47 17.71
CA ILE A 131 40.54 2.03 17.03
C ILE A 131 39.42 1.02 16.90
N ARG A 132 39.68 -0.25 17.21
CA ARG A 132 38.67 -1.31 17.20
C ARG A 132 38.87 -2.20 18.42
N ARG A 133 37.77 -2.76 18.90
CA ARG A 133 37.79 -3.84 19.86
C ARG A 133 36.96 -4.99 19.30
N GLN A 134 37.26 -6.20 19.74
CA GLN A 134 36.47 -7.36 19.37
C GLN A 134 35.60 -7.76 20.54
N ILE A 135 34.31 -7.98 20.28
CA ILE A 135 33.34 -8.32 21.31
C ILE A 135 33.00 -9.80 21.20
N MET A 136 32.95 -10.48 22.33
CA MET A 136 32.42 -11.84 22.42
C MET A 136 31.23 -11.83 23.36
N ILE A 137 30.12 -12.41 22.92
CA ILE A 137 28.97 -12.69 23.79
C ILE A 137 28.54 -14.11 23.54
N LYS A 138 27.92 -14.72 24.55
CA LYS A 138 27.50 -16.11 24.44
C LYS A 138 26.15 -16.30 25.12
N SER A 139 25.47 -17.39 24.76
CA SER A 139 24.16 -17.70 25.31
C SER A 139 23.86 -19.16 25.04
N SER A 140 22.96 -19.73 25.85
CA SER A 140 22.50 -21.09 25.61
C SER A 140 21.29 -21.15 24.69
N ARG A 141 20.71 -20.01 24.32
CA ARG A 141 19.58 -19.93 23.41
C ARG A 141 19.88 -18.95 22.30
N PRO A 142 19.44 -19.23 21.07
CA PRO A 142 19.75 -18.32 19.96
C PRO A 142 19.27 -16.90 20.17
N GLU A 143 18.07 -16.72 20.72
CA GLU A 143 17.53 -15.38 20.91
C GLU A 143 18.12 -14.66 22.11
N GLY A 144 18.97 -15.30 22.89
CA GLY A 144 19.48 -14.70 24.10
C GLY A 144 18.61 -15.04 25.30
N PRO A 145 18.78 -14.32 26.41
CA PRO A 145 19.70 -13.19 26.63
C PRO A 145 21.17 -13.59 26.57
N TYR A 146 21.99 -12.79 25.89
CA TYR A 146 23.42 -13.06 25.80
C TYR A 146 24.15 -12.44 26.98
N SER A 147 25.31 -13.02 27.28
CA SER A 147 26.17 -12.49 28.34
C SER A 147 26.56 -11.04 28.03
N LYS A 148 26.98 -10.34 29.08
CA LYS A 148 27.50 -8.99 28.90
C LYS A 148 28.74 -9.04 28.00
N PRO A 149 28.88 -8.12 27.05
CA PRO A 149 30.03 -8.17 26.14
C PRO A 149 31.36 -8.22 26.86
N VAL A 150 32.21 -9.14 26.42
CA VAL A 150 33.60 -9.22 26.82
C VAL A 150 34.44 -8.71 25.65
N PHE A 151 35.38 -7.82 25.94
CA PHE A 151 36.19 -7.20 24.90
C PHE A 151 37.51 -7.94 24.75
N ILE A 152 37.81 -8.35 23.52
CA ILE A 152 39.11 -8.91 23.16
C ILE A 152 39.85 -7.77 22.45
N ASP A 153 40.76 -7.12 23.17
CA ASP A 153 41.36 -5.87 22.71
C ASP A 153 42.51 -6.15 21.73
N GLU A 154 42.14 -6.75 20.61
CA GLU A 154 43.01 -6.99 19.47
C GLU A 154 42.55 -6.04 18.36
N GLY A 155 43.28 -4.95 18.16
CA GLY A 155 42.81 -3.91 17.26
C GLY A 155 43.44 -3.95 15.88
N SER A 156 44.06 -5.08 15.54
CA SER A 156 44.80 -5.18 14.29
C SER A 156 43.92 -5.46 13.07
N GLY A 157 42.63 -5.68 13.26
CA GLY A 157 41.76 -6.02 12.15
C GLY A 157 40.31 -6.08 12.56
N ILE A 158 39.46 -6.45 11.61
CA ILE A 158 38.02 -6.45 11.79
C ILE A 158 37.46 -7.82 11.43
N ASP A 159 36.17 -8.00 11.74
CA ASP A 159 35.35 -9.14 11.34
C ASP A 159 35.81 -10.43 12.01
N PRO A 160 35.74 -10.52 13.33
CA PRO A 160 36.13 -11.77 13.99
C PRO A 160 35.18 -12.90 13.61
N SER A 161 35.74 -14.09 13.46
CA SER A 161 34.96 -15.25 13.08
C SER A 161 35.41 -16.45 13.89
N HIS A 162 34.45 -17.10 14.56
CA HIS A 162 34.75 -18.21 15.44
C HIS A 162 34.95 -19.48 14.64
N PHE A 163 36.03 -20.20 14.92
CA PHE A 163 36.32 -21.48 14.28
C PHE A 163 36.80 -22.48 15.31
N VAL A 164 36.22 -23.67 15.28
CA VAL A 164 36.59 -24.77 16.17
C VAL A 164 37.14 -25.90 15.32
N ASP A 165 38.41 -26.24 15.53
CA ASP A 165 39.04 -27.30 14.77
C ASP A 165 38.55 -28.67 15.28
N GLY A 166 38.98 -29.72 14.57
CA GLY A 166 38.54 -31.07 14.90
C GLY A 166 38.98 -31.56 16.25
N ASP A 167 40.02 -30.95 16.83
CA ASP A 167 40.47 -31.31 18.17
C ASP A 167 39.72 -30.57 19.27
N GLY A 168 38.79 -29.68 18.90
CA GLY A 168 38.03 -28.91 19.88
C GLY A 168 38.66 -27.60 20.29
N LYS A 169 39.79 -27.22 19.71
CA LYS A 169 40.44 -25.96 20.05
C LYS A 169 39.74 -24.80 19.34
N HIS A 170 39.57 -23.70 20.06
CA HIS A 170 38.86 -22.53 19.56
C HIS A 170 39.81 -21.54 18.90
N TYR A 171 39.39 -20.97 17.78
CA TYR A 171 40.17 -19.99 17.05
C TYR A 171 39.31 -18.78 16.70
N MET A 172 39.96 -17.63 16.54
CA MET A 172 39.32 -16.42 16.03
C MET A 172 40.04 -15.99 14.76
N LEU A 173 39.34 -16.07 13.63
CA LEU A 173 39.85 -15.47 12.40
C LEU A 173 39.57 -13.98 12.40
N LEU A 174 40.51 -13.21 11.87
CA LEU A 174 40.37 -11.75 11.81
C LEU A 174 41.08 -11.25 10.57
N SER A 175 40.65 -10.09 10.08
CA SER A 175 41.38 -9.41 9.01
C SER A 175 42.69 -8.90 9.60
N PRO A 176 43.72 -8.64 8.76
CA PRO A 176 43.78 -8.65 7.28
C PRO A 176 43.64 -10.05 6.69
N ALA A 177 42.74 -10.19 5.72
CA ALA A 177 42.49 -11.47 5.03
C ALA A 177 42.25 -12.53 6.10
N CYS A 178 42.88 -13.70 6.02
CA CYS A 178 42.70 -14.76 7.01
C CYS A 178 43.89 -14.73 7.98
N THR A 179 43.76 -13.93 9.03
CA THR A 179 44.69 -13.97 10.16
C THR A 179 44.04 -14.80 11.26
N LEU A 180 44.74 -15.85 11.69
CA LEU A 180 44.18 -16.85 12.60
C LEU A 180 44.73 -16.61 14.01
N PHE A 181 43.84 -16.35 14.96
CA PHE A 181 44.20 -16.20 16.36
C PHE A 181 43.73 -17.41 17.15
N PRO A 182 44.58 -17.99 18.01
CA PRO A 182 44.08 -19.02 18.92
C PRO A 182 43.42 -18.40 20.13
N LEU A 183 42.34 -19.04 20.58
CA LEU A 183 41.57 -18.57 21.73
C LEU A 183 41.63 -19.60 22.86
N ASN A 184 41.49 -19.12 24.09
CA ASN A 184 41.27 -20.03 25.20
C ASN A 184 39.91 -20.71 25.05
N GLU A 185 39.70 -21.76 25.85
CA GLU A 185 38.49 -22.56 25.76
C GLU A 185 37.23 -21.73 25.96
N GLU A 186 37.29 -20.72 26.82
CA GLU A 186 36.13 -19.87 27.09
C GLU A 186 35.93 -18.77 26.04
N CYS A 187 36.86 -18.63 25.08
CA CYS A 187 36.75 -17.63 24.00
C CYS A 187 36.69 -16.20 24.53
N THR A 188 37.27 -15.97 25.71
CA THR A 188 37.33 -14.64 26.30
C THR A 188 38.67 -13.95 26.07
N ASP A 189 39.68 -14.68 25.60
CA ASP A 189 40.99 -14.08 25.41
C ASP A 189 41.77 -14.83 24.34
N ILE A 190 42.74 -14.14 23.76
CA ILE A 190 43.66 -14.73 22.79
C ILE A 190 44.78 -15.44 23.54
N SER A 191 45.13 -16.63 23.09
CA SER A 191 46.05 -17.50 23.81
C SER A 191 47.34 -17.80 23.06
N GLY A 192 47.62 -17.10 21.96
CA GLY A 192 48.82 -17.38 21.21
C GLY A 192 49.03 -16.34 20.13
N GLU A 193 50.15 -16.48 19.44
CA GLU A 193 50.49 -15.52 18.40
C GLU A 193 49.67 -15.78 17.13
N PRO A 194 49.29 -14.73 16.42
CA PRO A 194 48.54 -14.92 15.17
C PRO A 194 49.43 -15.35 14.02
N VAL A 195 48.81 -16.04 13.07
CA VAL A 195 49.44 -16.40 11.80
C VAL A 195 48.45 -16.07 10.69
N GLN A 196 48.91 -15.33 9.69
CA GLN A 196 48.08 -15.10 8.50
C GLN A 196 48.21 -16.33 7.63
N ILE A 197 47.17 -17.18 7.65
CA ILE A 197 47.24 -18.43 6.91
C ILE A 197 46.97 -18.25 5.43
N TRP A 198 46.25 -17.19 5.04
CA TRP A 198 46.06 -16.87 3.64
C TRP A 198 45.89 -15.37 3.49
N GLU A 199 46.61 -14.78 2.55
CA GLU A 199 46.63 -13.33 2.36
C GLU A 199 45.56 -12.85 1.39
N GLY A 200 44.83 -13.75 0.74
CA GLY A 200 43.86 -13.34 -0.26
C GLY A 200 44.44 -13.35 -1.66
N THR A 201 43.71 -12.70 -2.57
CA THR A 201 44.02 -12.73 -3.99
C THR A 201 44.70 -11.47 -4.49
N GLY A 202 44.94 -10.49 -3.62
CA GLY A 202 45.47 -9.21 -4.03
C GLY A 202 44.41 -8.14 -4.23
N ARG A 203 43.13 -8.51 -4.20
CA ARG A 203 42.07 -7.51 -4.19
C ARG A 203 42.12 -6.72 -2.89
N ARG A 204 41.52 -5.53 -2.92
CA ARG A 204 41.69 -4.67 -1.77
C ARG A 204 40.72 -5.06 -0.65
N ALA A 205 41.04 -4.57 0.54
CA ALA A 205 40.25 -4.80 1.76
C ALA A 205 39.84 -6.27 1.94
N PRO A 206 40.80 -7.19 2.00
CA PRO A 206 40.43 -8.60 2.31
C PRO A 206 39.93 -8.70 3.74
N GLU A 207 38.67 -9.10 3.88
CA GLU A 207 38.01 -9.06 5.18
C GLU A 207 36.99 -10.20 5.25
N GLY A 208 36.14 -10.16 6.28
CA GLY A 208 35.16 -11.19 6.53
C GLY A 208 35.66 -12.62 6.39
N PRO A 209 36.78 -12.96 7.04
CA PRO A 209 37.33 -14.32 6.87
C PRO A 209 36.46 -15.37 7.55
N HIS A 210 36.31 -16.50 6.88
CA HIS A 210 35.64 -17.67 7.45
C HIS A 210 36.45 -18.91 7.10
N LEU A 211 36.35 -19.93 7.94
CA LEU A 211 36.97 -21.22 7.70
C LEU A 211 35.91 -22.30 7.74
N LEU A 212 35.99 -23.22 6.77
CA LEU A 212 35.07 -24.34 6.68
C LEU A 212 35.88 -25.61 6.46
N LYS A 213 35.64 -26.61 7.30
CA LYS A 213 36.30 -27.92 7.19
C LYS A 213 35.34 -28.89 6.50
N LYS A 214 35.76 -29.43 5.37
CA LYS A 214 34.90 -30.37 4.65
C LYS A 214 35.75 -31.19 3.68
N ASP A 215 35.47 -32.50 3.63
CA ASP A 215 36.10 -33.42 2.68
C ASP A 215 37.61 -33.42 2.80
N GLY A 216 38.12 -33.27 4.02
CA GLY A 216 39.56 -33.26 4.21
C GLY A 216 40.26 -31.98 3.82
N TYR A 217 39.52 -30.94 3.47
CA TYR A 217 40.10 -29.62 3.20
C TYR A 217 39.63 -28.61 4.24
N TYR A 218 40.51 -27.66 4.54
CA TYR A 218 40.12 -26.42 5.17
C TYR A 218 39.87 -25.40 4.06
N TYR A 219 38.66 -24.89 3.96
CA TYR A 219 38.32 -23.89 2.96
C TYR A 219 38.35 -22.52 3.63
N ALA A 220 39.15 -21.60 3.08
CA ALA A 220 39.23 -20.24 3.56
C ALA A 220 38.34 -19.36 2.68
N ILE A 221 37.50 -18.56 3.31
CA ILE A 221 36.55 -17.69 2.61
C ILE A 221 36.84 -16.25 2.99
N LEU A 222 36.83 -15.37 2.00
CA LEU A 222 37.08 -13.95 2.21
C LEU A 222 36.06 -13.11 1.45
N ALA A 223 35.79 -11.93 2.00
CA ALA A 223 35.20 -10.84 1.24
C ALA A 223 36.34 -9.94 0.74
N GLU A 224 36.36 -9.64 -0.55
CA GLU A 224 37.42 -8.82 -1.12
C GLU A 224 36.82 -7.81 -2.09
N GLY A 225 37.60 -6.77 -2.38
CA GLY A 225 37.19 -5.71 -3.26
C GLY A 225 36.55 -4.52 -2.59
N GLY A 226 36.32 -4.58 -1.28
CA GLY A 226 35.58 -3.55 -0.60
C GLY A 226 34.09 -3.78 -0.72
N THR A 227 33.31 -3.31 0.25
CA THR A 227 31.87 -3.53 0.23
C THR A 227 31.13 -2.61 -0.74
N GLY A 228 31.85 -1.96 -1.64
CA GLY A 228 31.25 -1.19 -2.72
C GLY A 228 30.98 -2.05 -3.93
N TYR A 229 31.06 -1.43 -5.12
CA TYR A 229 30.64 -2.09 -6.34
C TYR A 229 31.67 -3.08 -6.88
N SER A 230 32.84 -3.21 -6.26
CA SER A 230 33.79 -4.25 -6.59
C SER A 230 33.72 -5.42 -5.61
N HIS A 231 32.68 -5.50 -4.78
CA HIS A 231 32.58 -6.53 -3.77
C HIS A 231 32.57 -7.93 -4.40
N SER A 232 33.18 -8.88 -3.71
CA SER A 232 33.26 -10.24 -4.22
C SER A 232 33.54 -11.21 -3.09
N ILE A 233 33.41 -12.49 -3.40
CA ILE A 233 33.78 -13.58 -2.51
C ILE A 233 34.86 -14.41 -3.19
N THR A 234 35.96 -14.65 -2.49
CA THR A 234 37.05 -15.47 -2.99
C THR A 234 37.36 -16.55 -1.96
N THR A 235 37.95 -17.65 -2.42
CA THR A 235 38.22 -18.77 -1.53
C THR A 235 39.58 -19.38 -1.84
N ALA A 236 39.99 -20.27 -0.93
CA ALA A 236 41.22 -21.03 -1.04
C ALA A 236 41.04 -22.27 -0.18
N ARG A 237 41.92 -23.25 -0.38
CA ARG A 237 41.83 -24.49 0.37
C ARG A 237 43.22 -24.96 0.78
N SER A 238 43.24 -25.78 1.84
CA SER A 238 44.46 -26.40 2.30
C SER A 238 44.08 -27.66 3.05
N THR A 239 45.01 -28.62 3.12
CA THR A 239 44.81 -29.81 3.91
C THR A 239 45.19 -29.61 5.37
N HIS A 240 45.78 -28.46 5.71
CA HIS A 240 46.20 -28.18 7.08
C HIS A 240 45.64 -26.83 7.51
N LEU A 241 45.30 -26.74 8.80
CA LEU A 241 44.76 -25.50 9.36
C LEU A 241 45.66 -24.31 9.04
N TYR A 242 46.96 -24.45 9.30
CA TYR A 242 47.90 -23.35 9.12
C TYR A 242 48.46 -23.28 7.71
N GLY A 243 47.91 -24.05 6.78
CA GLY A 243 48.28 -23.91 5.38
C GLY A 243 49.38 -24.86 4.90
N PRO A 244 49.95 -24.55 3.73
CA PRO A 244 49.66 -23.38 2.89
C PRO A 244 48.37 -23.52 2.09
N TYR A 245 47.71 -22.40 1.81
CA TYR A 245 46.45 -22.38 1.08
C TYR A 245 46.69 -22.07 -0.39
N GLU A 246 46.01 -22.85 -1.28
CA GLU A 246 46.02 -22.58 -2.71
C GLU A 246 44.73 -21.92 -3.14
N PRO A 247 44.79 -20.91 -4.02
CA PRO A 247 43.59 -20.16 -4.37
C PRO A 247 42.65 -20.94 -5.26
N CYS A 248 41.36 -20.63 -5.15
CA CYS A 248 40.36 -21.29 -5.95
C CYS A 248 40.46 -20.86 -7.41
N PRO A 249 40.55 -21.81 -8.35
CA PRO A 249 40.63 -21.43 -9.78
C PRO A 249 39.38 -20.73 -10.30
N TYR A 250 38.27 -20.77 -9.56
CA TYR A 250 37.03 -20.15 -9.99
C TYR A 250 36.84 -18.76 -9.39
N ASN A 251 37.84 -18.24 -8.69
CA ASN A 251 37.71 -16.91 -8.07
C ASN A 251 37.47 -15.84 -9.13
N PRO A 252 36.57 -14.89 -8.83
CA PRO A 252 35.74 -14.86 -7.61
C PRO A 252 34.54 -15.79 -7.74
N ILE A 253 34.20 -16.52 -6.67
CA ILE A 253 33.05 -17.43 -6.75
C ILE A 253 31.73 -16.69 -6.59
N LEU A 254 31.75 -15.42 -6.20
CA LEU A 254 30.57 -14.57 -6.26
C LEU A 254 31.01 -13.13 -6.44
N THR A 255 30.37 -12.45 -7.40
CA THR A 255 30.49 -11.01 -7.59
C THR A 255 29.47 -10.63 -8.66
N GLN A 256 29.14 -9.35 -8.70
CA GLN A 256 28.26 -8.81 -9.74
C GLN A 256 29.14 -8.16 -10.80
N THR A 257 29.18 -8.76 -12.00
CA THR A 257 29.93 -8.21 -13.12
C THR A 257 29.08 -7.39 -14.07
N ASP A 258 27.75 -7.41 -13.91
CA ASP A 258 26.86 -6.68 -14.79
C ASP A 258 26.45 -5.38 -14.12
N PRO A 259 26.96 -4.21 -14.55
CA PRO A 259 26.61 -2.96 -13.86
C PRO A 259 25.15 -2.58 -14.01
N ASP A 260 24.44 -3.13 -14.98
CA ASP A 260 23.04 -2.80 -15.20
C ASP A 260 22.08 -3.62 -14.35
N ALA A 261 22.57 -4.65 -13.67
CA ALA A 261 21.71 -5.50 -12.87
C ALA A 261 21.19 -4.74 -11.66
N PRO A 262 19.94 -5.01 -11.23
CA PRO A 262 19.38 -4.31 -10.07
C PRO A 262 19.94 -4.75 -8.73
N ILE A 263 20.86 -5.71 -8.69
CA ILE A 263 21.50 -6.14 -7.46
C ILE A 263 23.01 -6.01 -7.64
N GLN A 264 23.65 -5.30 -6.71
CA GLN A 264 25.07 -4.95 -6.80
C GLN A 264 25.75 -5.25 -5.47
N ARG A 265 27.07 -5.00 -5.43
CA ARG A 265 27.85 -4.99 -4.19
C ARG A 265 27.84 -6.34 -3.48
N ALA A 266 27.86 -7.42 -4.26
CA ALA A 266 27.64 -8.75 -3.70
C ALA A 266 28.93 -9.30 -3.09
N GLY A 267 28.87 -9.64 -1.81
CA GLY A 267 30.03 -10.20 -1.14
C GLY A 267 29.73 -10.42 0.32
N HIS A 268 30.77 -10.79 1.07
CA HIS A 268 30.68 -11.07 2.50
C HIS A 268 29.68 -12.20 2.77
N GLY A 269 30.05 -13.37 2.29
CA GLY A 269 29.16 -14.52 2.36
C GLY A 269 29.37 -15.38 3.61
N SER A 270 28.37 -16.20 3.88
CA SER A 270 28.35 -17.15 4.96
C SER A 270 27.67 -18.41 4.46
N LEU A 271 28.31 -19.57 4.62
CA LEU A 271 27.81 -20.81 4.07
C LEU A 271 27.04 -21.62 5.10
N VAL A 272 26.03 -22.36 4.63
CA VAL A 272 25.27 -23.26 5.48
C VAL A 272 24.92 -24.51 4.70
N GLU A 273 24.89 -25.64 5.39
CA GLU A 273 24.40 -26.90 4.85
C GLU A 273 23.06 -27.21 5.48
N THR A 274 22.07 -27.58 4.66
CA THR A 274 20.74 -27.84 5.18
C THR A 274 20.65 -29.25 5.74
N GLN A 275 19.53 -29.53 6.42
CA GLN A 275 19.29 -30.88 6.92
C GLN A 275 19.09 -31.89 5.81
N ASN A 276 18.94 -31.46 4.56
CA ASN A 276 18.82 -32.36 3.42
C ASN A 276 20.08 -32.36 2.56
N GLY A 277 21.17 -31.82 3.06
CA GLY A 277 22.44 -31.89 2.35
C GLY A 277 22.64 -30.85 1.27
N GLU A 278 21.72 -29.90 1.13
CA GLU A 278 21.93 -28.76 0.23
C GLU A 278 22.87 -27.75 0.87
N TRP A 279 23.62 -27.06 0.03
CA TRP A 279 24.51 -25.99 0.47
C TRP A 279 24.03 -24.66 -0.08
N TRP A 280 23.99 -23.65 0.79
CA TRP A 280 23.51 -22.33 0.44
C TRP A 280 24.44 -21.31 1.06
N ALA A 281 24.47 -20.13 0.45
CA ALA A 281 25.24 -18.99 0.94
C ALA A 281 24.30 -17.81 1.11
N VAL A 282 24.40 -17.15 2.24
CA VAL A 282 23.85 -15.80 2.39
C VAL A 282 25.01 -14.83 2.21
N TYR A 283 24.70 -13.65 1.69
CA TYR A 283 25.72 -12.64 1.46
C TYR A 283 25.04 -11.28 1.43
N LEU A 284 25.84 -10.22 1.53
CA LEU A 284 25.26 -8.89 1.48
C LEU A 284 25.23 -8.39 0.04
N CYS A 285 24.31 -7.48 -0.22
CA CYS A 285 24.19 -6.87 -1.54
C CYS A 285 23.49 -5.53 -1.38
N GLY A 286 23.46 -4.77 -2.46
CA GLY A 286 22.74 -3.52 -2.50
C GLY A 286 21.80 -3.48 -3.69
N ARG A 287 20.69 -2.77 -3.51
CA ARG A 287 19.78 -2.48 -4.62
C ARG A 287 19.91 -1.01 -5.00
N PRO A 288 20.60 -0.69 -6.10
CA PRO A 288 20.75 0.71 -6.50
C PRO A 288 19.41 1.30 -6.92
N ASN A 289 19.09 2.48 -6.39
CA ASN A 289 17.78 3.10 -6.52
C ASN A 289 17.91 4.34 -7.41
N GLN A 290 17.63 4.18 -8.71
CA GLN A 290 17.73 5.25 -9.70
C GLN A 290 19.13 5.87 -9.68
N GLY A 291 20.11 5.03 -9.96
CA GLY A 291 21.51 5.39 -9.81
C GLY A 291 22.15 4.58 -8.69
N SER A 292 23.45 4.83 -8.51
CA SER A 292 24.24 4.08 -7.53
C SER A 292 23.95 4.59 -6.12
N TYR A 293 22.74 4.31 -5.66
CA TYR A 293 22.25 4.77 -4.36
C TYR A 293 21.57 3.61 -3.66
N THR A 294 22.23 3.08 -2.63
CA THR A 294 21.71 1.95 -1.86
C THR A 294 20.81 2.51 -0.76
N THR A 295 19.59 2.88 -1.18
CA THR A 295 18.68 3.62 -0.31
C THR A 295 18.43 2.91 1.01
N VAL A 296 18.08 1.62 0.96
CA VAL A 296 17.67 0.94 2.18
C VAL A 296 18.88 0.28 2.85
N GLY A 297 20.06 0.57 2.33
CA GLY A 297 21.27 -0.02 2.87
C GLY A 297 21.50 -1.42 2.32
N ARG A 298 22.63 -1.99 2.73
CA ARG A 298 22.97 -3.34 2.29
C ARG A 298 22.01 -4.36 2.90
N GLU A 299 21.56 -5.29 2.07
CA GLU A 299 20.59 -6.32 2.46
C GLU A 299 21.21 -7.70 2.30
N THR A 300 20.47 -8.71 2.74
CA THR A 300 20.98 -10.09 2.75
C THR A 300 20.30 -10.88 1.64
N ALA A 301 21.09 -11.33 0.67
CA ALA A 301 20.65 -12.16 -0.43
C ALA A 301 21.03 -13.62 -0.18
N LEU A 302 20.50 -14.50 -1.01
CA LEU A 302 20.67 -15.93 -0.88
C LEU A 302 20.93 -16.53 -2.25
N ASP A 303 21.87 -17.48 -2.33
CA ASP A 303 22.05 -18.21 -3.57
C ASP A 303 22.65 -19.58 -3.29
N PRO A 304 22.43 -20.55 -4.18
CA PRO A 304 22.92 -21.91 -3.91
C PRO A 304 24.43 -22.02 -4.06
N VAL A 305 24.98 -22.98 -3.34
CA VAL A 305 26.41 -23.31 -3.38
C VAL A 305 26.54 -24.65 -4.09
N GLU A 306 27.32 -24.70 -5.16
CA GLU A 306 27.53 -25.93 -5.91
C GLU A 306 28.96 -26.41 -5.70
N TRP A 307 29.10 -27.63 -5.20
CA TRP A 307 30.41 -28.25 -5.05
C TRP A 307 30.86 -28.85 -6.37
N THR A 308 32.13 -28.64 -6.71
CA THR A 308 32.65 -29.07 -8.00
C THR A 308 33.38 -30.39 -7.88
N ASP A 309 33.52 -31.07 -9.02
CA ASP A 309 34.20 -32.37 -9.01
C ASP A 309 35.71 -32.25 -8.88
N ASP A 310 36.27 -31.04 -8.84
CA ASP A 310 37.69 -30.86 -8.55
C ASP A 310 37.92 -30.26 -7.17
N GLY A 311 36.97 -30.43 -6.25
CA GLY A 311 37.21 -30.12 -4.86
C GLY A 311 37.01 -28.67 -4.46
N TRP A 312 36.16 -27.93 -5.17
CA TRP A 312 35.88 -26.55 -4.84
C TRP A 312 34.37 -26.36 -4.75
N PHE A 313 33.96 -25.13 -4.44
CA PHE A 313 32.55 -24.77 -4.50
C PHE A 313 32.43 -23.36 -5.08
N VAL A 314 31.31 -23.14 -5.78
CA VAL A 314 30.99 -21.87 -6.39
C VAL A 314 29.59 -21.46 -5.91
N ILE A 315 29.22 -20.22 -6.21
CA ILE A 315 27.90 -19.70 -5.87
C ILE A 315 27.14 -19.39 -7.14
N ASN A 316 25.94 -19.95 -7.26
CA ASN A 316 25.06 -19.77 -8.42
C ASN A 316 25.80 -20.01 -9.74
N ASN A 317 26.64 -21.05 -9.76
CA ASN A 317 27.33 -21.47 -10.98
C ASN A 317 28.10 -20.32 -11.63
N LEU A 318 28.62 -19.41 -10.80
CA LEU A 318 29.44 -18.28 -11.25
C LEU A 318 28.66 -17.28 -12.10
N LYS A 319 27.33 -17.27 -12.01
CA LYS A 319 26.51 -16.33 -12.75
C LYS A 319 26.31 -15.00 -12.04
N GLY A 320 26.86 -14.84 -10.83
CA GLY A 320 26.58 -13.68 -10.04
C GLY A 320 25.26 -13.84 -9.31
N PRO A 321 24.84 -12.80 -8.58
CA PRO A 321 23.58 -12.90 -7.83
C PRO A 321 22.40 -13.19 -8.74
N SER A 322 21.48 -14.03 -8.24
CA SER A 322 20.26 -14.30 -8.98
C SER A 322 19.20 -13.23 -8.67
N LEU A 323 18.36 -12.95 -9.67
CA LEU A 323 17.19 -12.11 -9.44
C LEU A 323 15.95 -12.96 -9.13
N VAL A 324 15.89 -14.17 -9.67
CA VAL A 324 14.89 -15.15 -9.31
C VAL A 324 15.59 -16.50 -9.28
N GLN A 325 15.23 -17.35 -8.31
CA GLN A 325 16.00 -18.55 -8.05
C GLN A 325 15.08 -19.64 -7.51
N ARG A 326 15.42 -20.89 -7.81
CA ARG A 326 14.75 -22.02 -7.20
C ARG A 326 14.91 -21.95 -5.68
N ALA A 327 13.83 -22.21 -4.96
CA ALA A 327 13.89 -22.10 -3.52
C ALA A 327 14.60 -23.32 -2.93
N PRO A 328 15.21 -23.16 -1.75
CA PRO A 328 15.78 -24.33 -1.06
C PRO A 328 14.74 -25.41 -0.86
N ASN A 329 15.19 -26.66 -0.92
CA ASN A 329 14.36 -27.84 -0.66
C ASN A 329 14.10 -27.93 0.84
N LEU A 330 13.21 -27.07 1.31
CA LEU A 330 12.88 -26.94 2.73
C LEU A 330 11.41 -26.63 2.84
N PRO A 331 10.76 -27.04 3.94
CA PRO A 331 9.34 -26.72 4.12
C PRO A 331 9.14 -25.23 4.28
N GLN A 332 8.18 -24.68 3.55
N GLN A 332 8.19 -24.67 3.53
CA GLN A 332 7.94 -23.24 3.54
CA GLN A 332 7.97 -23.24 3.54
C GLN A 332 7.27 -22.81 4.84
C GLN A 332 7.28 -22.79 4.82
N VAL A 333 7.84 -21.78 5.47
CA VAL A 333 7.28 -21.21 6.70
C VAL A 333 7.41 -19.69 6.60
N LYS A 334 6.29 -19.01 6.43
CA LYS A 334 6.25 -17.55 6.46
C LYS A 334 5.89 -17.08 7.86
N TRP A 335 6.14 -15.79 8.11
CA TRP A 335 5.96 -15.21 9.43
C TRP A 335 5.07 -13.97 9.35
N ASP A 336 4.49 -13.63 10.49
CA ASP A 336 3.77 -12.37 10.63
C ASP A 336 4.76 -11.21 10.57
N GLU A 337 4.51 -10.26 9.66
CA GLU A 337 5.50 -9.23 9.35
C GLU A 337 5.39 -8.01 10.25
N LYS A 338 4.27 -7.82 10.94
CA LYS A 338 4.10 -6.71 11.90
C LYS A 338 4.25 -5.34 11.21
N ASN A 339 3.64 -5.20 10.03
CA ASN A 339 3.72 -3.92 9.34
C ASN A 339 2.88 -2.85 10.02
N PHE A 340 1.81 -3.24 10.69
CA PHE A 340 0.99 -2.33 11.49
C PHE A 340 1.26 -2.59 12.96
N ASP A 341 1.74 -1.58 13.67
CA ASP A 341 2.01 -1.67 15.10
C ASP A 341 1.06 -0.72 15.82
N ASP A 342 0.12 -1.28 16.58
CA ASP A 342 -0.81 -0.47 17.36
C ASP A 342 -0.29 -0.20 18.76
N PHE A 343 0.95 -0.59 19.06
CA PHE A 343 1.62 -0.26 20.32
C PHE A 343 0.77 -0.63 21.54
N ASP A 344 0.09 -1.78 21.49
CA ASP A 344 -0.64 -2.25 22.66
C ASP A 344 -0.01 -3.51 23.27
N GLU A 345 1.28 -3.68 23.11
CA GLU A 345 2.08 -4.57 23.94
C GLU A 345 2.93 -3.72 24.86
N ASP A 346 3.19 -4.21 26.06
CA ASP A 346 4.05 -3.46 26.96
C ASP A 346 5.53 -3.60 26.62
N THR A 347 5.87 -4.41 25.63
CA THR A 347 7.23 -4.54 25.14
C THR A 347 7.30 -4.05 23.70
N LEU A 348 8.42 -3.40 23.36
CA LEU A 348 8.59 -2.86 22.03
C LEU A 348 8.83 -3.97 21.02
N GLY A 349 8.17 -3.87 19.87
CA GLY A 349 8.33 -4.88 18.85
C GLY A 349 9.77 -5.00 18.38
N LEU A 350 10.14 -6.22 17.99
CA LEU A 350 11.53 -6.51 17.66
C LEU A 350 11.97 -5.94 16.33
N ASP A 351 11.05 -5.44 15.51
CA ASP A 351 11.47 -4.78 14.27
C ASP A 351 11.90 -3.34 14.48
N TRP A 352 11.76 -2.81 15.69
CA TRP A 352 12.20 -1.45 15.97
C TRP A 352 13.66 -1.44 16.42
N GLN A 353 14.34 -0.34 16.09
CA GLN A 353 15.66 -0.03 16.62
C GLN A 353 15.65 1.40 17.14
N PHE A 354 16.46 1.66 18.15
CA PHE A 354 16.79 3.02 18.56
C PHE A 354 18.04 3.47 17.83
N VAL A 355 18.08 4.76 17.48
CA VAL A 355 19.35 5.38 17.10
C VAL A 355 20.15 5.56 18.39
N ARG A 356 21.22 4.77 18.53
CA ARG A 356 22.04 4.75 19.75
C ARG A 356 21.22 4.31 20.96
N ASN A 357 21.82 4.33 22.14
CA ASN A 357 21.17 3.78 23.32
C ASN A 357 19.90 4.55 23.65
N PRO A 358 18.83 3.86 24.05
CA PRO A 358 17.63 4.57 24.47
C PRO A 358 17.84 5.27 25.81
N ASP A 359 17.12 6.36 25.99
CA ASP A 359 16.96 6.99 27.30
C ASP A 359 15.64 6.47 27.85
N HIS A 360 15.73 5.49 28.76
CA HIS A 360 14.55 4.78 29.22
C HIS A 360 13.60 5.65 30.02
N SER A 361 14.07 6.76 30.57
CA SER A 361 13.20 7.65 31.32
C SER A 361 12.28 8.47 30.44
N SER A 362 12.51 8.49 29.13
CA SER A 362 11.81 9.41 28.23
C SER A 362 11.08 8.69 27.10
N TRP A 363 10.85 7.39 27.23
CA TRP A 363 9.97 6.66 26.33
C TRP A 363 9.25 5.59 27.13
N SER A 364 8.01 5.29 26.74
CA SER A 364 7.22 4.35 27.53
C SER A 364 6.12 3.75 26.67
N LEU A 365 5.89 2.45 26.87
CA LEU A 365 4.71 1.77 26.37
C LEU A 365 3.69 1.50 27.47
N ILE A 366 4.01 1.84 28.71
CA ILE A 366 3.13 1.53 29.84
C ILE A 366 2.49 2.77 30.46
N GLU A 367 3.05 3.96 30.28
CA GLU A 367 2.47 5.15 30.88
C GLU A 367 1.09 5.45 30.29
N ARG A 368 0.91 5.17 29.00
CA ARG A 368 -0.39 5.30 28.34
C ARG A 368 -0.57 4.07 27.48
N PRO A 369 -1.11 2.99 28.05
CA PRO A 369 -1.25 1.74 27.30
C PRO A 369 -1.97 1.96 25.98
N GLY A 370 -1.49 1.27 24.94
CA GLY A 370 -1.98 1.48 23.59
C GLY A 370 -1.21 2.52 22.79
N TYR A 371 -0.27 3.23 23.42
CA TYR A 371 0.50 4.28 22.77
C TYR A 371 1.98 4.09 23.04
N LEU A 372 2.80 4.36 22.03
CA LEU A 372 4.22 4.55 22.23
C LEU A 372 4.44 6.02 22.55
N ARG A 373 4.80 6.31 23.79
CA ARG A 373 5.02 7.67 24.25
C ARG A 373 6.50 8.02 24.16
N LEU A 374 6.79 9.14 23.50
CA LEU A 374 8.12 9.73 23.51
C LEU A 374 8.03 11.05 24.24
N TRP A 375 8.76 11.18 25.34
CA TRP A 375 8.93 12.47 25.99
C TRP A 375 9.98 13.26 25.22
N THR A 376 9.65 14.50 24.89
CA THR A 376 10.52 15.32 24.05
C THR A 376 11.91 15.42 24.65
N GLY A 377 12.91 14.88 23.94
CA GLY A 377 14.29 14.99 24.36
C GLY A 377 14.92 16.33 24.01
N ASP A 378 16.13 16.54 24.52
CA ASP A 378 16.75 17.85 24.46
C ASP A 378 17.46 18.16 23.14
N TRP A 379 17.62 17.20 22.23
CA TRP A 379 18.47 17.40 21.07
C TRP A 379 17.76 16.99 19.77
N ASP A 380 17.94 17.79 18.73
CA ASP A 380 17.40 17.52 17.41
C ASP A 380 18.22 16.41 16.73
N LEU A 381 17.67 15.89 15.63
CA LEU A 381 18.22 14.70 14.99
C LEU A 381 19.63 14.89 14.45
N HIS A 382 20.02 16.12 14.13
CA HIS A 382 21.38 16.36 13.63
C HIS A 382 22.44 16.21 14.71
N ASP A 383 22.04 16.12 15.96
CA ASP A 383 22.95 15.98 17.09
C ASP A 383 23.13 14.50 17.42
N ILE A 384 24.39 14.07 17.53
CA ILE A 384 24.67 12.69 17.95
C ILE A 384 24.00 12.40 19.29
N ARG A 385 23.77 13.43 20.12
CA ARG A 385 23.18 13.23 21.44
C ARG A 385 21.67 12.94 21.39
N ALA A 386 21.02 13.11 20.24
CA ALA A 386 19.58 12.87 20.15
C ALA A 386 19.22 11.49 20.69
N LYS A 387 18.17 11.44 21.51
CA LYS A 387 17.73 10.20 22.14
C LYS A 387 16.38 9.77 21.60
N ASN A 388 16.15 8.45 21.62
CA ASN A 388 14.83 7.86 21.41
C ASN A 388 14.24 8.18 20.04
N THR A 389 15.08 8.26 19.01
CA THR A 389 14.58 8.08 17.65
C THR A 389 14.32 6.59 17.45
N VAL A 390 13.06 6.24 17.18
CA VAL A 390 12.63 4.85 17.09
C VAL A 390 12.26 4.57 15.64
N VAL A 391 12.99 3.66 14.99
CA VAL A 391 12.89 3.49 13.56
C VAL A 391 12.95 2.01 13.19
N ARG A 392 12.31 1.69 12.08
CA ARG A 392 12.37 0.35 11.49
C ARG A 392 12.95 0.45 10.09
N ARG A 393 13.23 -0.71 9.51
CA ARG A 393 13.91 -0.77 8.23
C ARG A 393 12.95 -0.51 7.07
N GLU A 394 13.43 0.27 6.10
CA GLU A 394 12.76 0.35 4.81
C GLU A 394 13.09 -0.92 4.03
N LYS A 395 12.07 -1.61 3.53
CA LYS A 395 12.28 -2.87 2.84
C LYS A 395 11.81 -2.81 1.40
N HIS A 396 11.35 -1.66 0.93
CA HIS A 396 10.90 -1.47 -0.44
C HIS A 396 11.27 -0.06 -0.89
N HIS A 397 11.34 0.12 -2.20
CA HIS A 397 11.50 1.44 -2.78
C HIS A 397 10.19 2.12 -3.07
N LEU A 398 9.07 1.41 -2.92
CA LEU A 398 7.73 1.94 -3.01
C LEU A 398 7.00 1.58 -1.72
N TYR A 399 6.80 2.56 -0.84
CA TYR A 399 6.10 2.29 0.40
C TYR A 399 5.56 3.60 0.96
N SER A 400 4.62 3.47 1.88
CA SER A 400 4.18 4.58 2.70
C SER A 400 4.30 4.20 4.17
N ALA A 401 4.50 5.20 5.02
CA ALA A 401 4.51 5.00 6.46
C ALA A 401 3.72 6.11 7.10
N GLY A 402 2.84 5.75 8.03
CA GLY A 402 1.96 6.72 8.67
C GLY A 402 1.87 6.49 10.16
N VAL A 403 1.55 7.57 10.87
CA VAL A 403 1.26 7.49 12.30
C VAL A 403 0.01 8.29 12.60
N LYS A 404 -0.61 7.94 13.74
CA LYS A 404 -1.58 8.79 14.41
C LYS A 404 -0.91 9.32 15.66
N LEU A 405 -0.92 10.65 15.82
CA LEU A 405 -0.12 11.29 16.86
C LEU A 405 -0.99 12.20 17.70
N ASP A 406 -0.81 12.11 19.02
CA ASP A 406 -1.42 13.02 19.98
C ASP A 406 -0.29 13.80 20.65
N PHE A 407 -0.18 15.09 20.30
CA PHE A 407 0.94 15.91 20.73
C PHE A 407 0.45 17.36 20.85
N SER A 408 0.90 18.05 21.91
CA SER A 408 0.46 19.42 22.19
C SER A 408 1.68 20.29 22.47
N PRO A 409 2.43 20.67 21.45
CA PRO A 409 3.55 21.59 21.67
C PRO A 409 3.03 22.99 21.91
N SER A 410 3.66 23.69 22.86
CA SER A 410 3.21 25.01 23.28
C SER A 410 4.32 26.06 23.28
N ALA A 411 5.54 25.69 22.93
CA ALA A 411 6.64 26.64 22.90
C ALA A 411 7.55 26.32 21.72
N SER A 412 8.38 27.30 21.36
CA SER A 412 9.17 27.23 20.14
C SER A 412 10.07 26.00 20.11
N GLY A 413 10.04 25.28 18.99
CA GLY A 413 10.92 24.17 18.76
C GLY A 413 10.40 22.82 19.20
N GLU A 414 9.42 22.78 20.10
CA GLU A 414 8.83 21.51 20.51
C GLU A 414 8.18 20.83 19.31
N GLN A 415 8.56 19.58 19.06
CA GLN A 415 8.18 18.94 17.81
C GLN A 415 8.14 17.43 17.99
N ALA A 416 7.33 16.79 17.15
CA ALA A 416 7.27 15.34 17.06
C ALA A 416 6.64 14.96 15.74
N GLY A 417 7.08 13.82 15.20
CA GLY A 417 6.55 13.39 13.92
C GLY A 417 7.29 12.17 13.40
N ILE A 418 7.32 12.06 12.08
CA ILE A 418 7.92 10.91 11.41
C ILE A 418 9.20 11.38 10.72
N VAL A 419 10.13 10.43 10.54
CA VAL A 419 11.42 10.74 9.94
C VAL A 419 11.83 9.58 9.06
N CYS A 420 12.40 9.91 7.90
CA CYS A 420 13.20 8.98 7.11
C CYS A 420 14.65 9.30 7.43
N TYR A 421 15.33 8.38 8.10
CA TYR A 421 16.60 8.67 8.78
C TYR A 421 17.71 7.80 8.20
N TYR A 422 18.74 8.45 7.68
CA TYR A 422 19.98 7.73 7.37
C TYR A 422 21.07 7.97 8.42
N SER A 423 21.34 9.23 8.76
CA SER A 423 22.39 9.55 9.73
C SER A 423 22.12 10.94 10.29
N THR A 424 23.00 11.38 11.21
CA THR A 424 22.88 12.71 11.80
C THR A 424 23.00 13.81 10.76
N ASN A 425 23.55 13.49 9.59
CA ASN A 425 23.73 14.46 8.52
C ASN A 425 22.76 14.25 7.37
N ASN A 426 21.92 13.22 7.44
CA ASN A 426 21.09 12.84 6.29
C ASN A 426 19.76 12.30 6.81
N TYR A 427 18.73 13.14 6.77
CA TYR A 427 17.40 12.70 7.17
C TYR A 427 16.37 13.62 6.55
N LEU A 428 15.13 13.16 6.62
CA LEU A 428 13.97 13.87 6.12
C LEU A 428 12.89 13.71 7.18
N LYS A 429 12.52 14.81 7.85
CA LYS A 429 11.56 14.73 8.95
C LYS A 429 10.32 15.56 8.63
N CYS A 430 9.17 15.08 9.14
CA CYS A 430 7.91 15.79 9.06
C CYS A 430 7.28 15.78 10.44
N CYS A 431 7.07 16.95 11.02
CA CYS A 431 6.68 17.02 12.42
C CYS A 431 5.60 18.07 12.64
N LEU A 432 4.72 17.76 13.58
CA LEU A 432 3.93 18.79 14.23
C LEU A 432 4.83 19.56 15.18
N ILE A 433 4.92 20.88 15.01
CA ILE A 433 5.86 21.70 15.74
C ILE A 433 5.17 23.01 16.12
N TYR A 434 5.54 23.54 17.28
CA TYR A 434 5.12 24.88 17.67
C TYR A 434 6.19 25.86 17.21
N GLU A 435 5.83 26.70 16.24
CA GLU A 435 6.75 27.66 15.64
C GLU A 435 5.90 28.88 15.27
N GLU A 436 5.68 29.75 16.26
CA GLU A 436 4.71 30.84 16.16
C GLU A 436 3.31 30.31 15.85
N GLY A 437 2.88 29.35 16.67
CA GLY A 437 1.67 28.60 16.42
C GLY A 437 1.97 27.21 15.88
N LEU A 438 0.93 26.38 15.86
CA LEU A 438 1.08 25.00 15.42
C LEU A 438 1.32 24.94 13.91
N LYS A 439 2.35 24.22 13.51
CA LYS A 439 2.71 24.05 12.12
C LYS A 439 2.99 22.59 11.82
N ILE A 440 2.73 22.18 10.58
CA ILE A 440 3.28 20.95 10.02
C ILE A 440 4.49 21.34 9.21
N LYS A 441 5.67 20.84 9.59
CA LYS A 441 6.93 21.29 9.02
C LYS A 441 7.70 20.11 8.45
N VAL A 442 8.20 20.26 7.23
CA VAL A 442 9.04 19.25 6.59
C VAL A 442 10.44 19.85 6.44
N VAL A 443 11.44 19.14 6.98
CA VAL A 443 12.83 19.60 6.99
C VAL A 443 13.71 18.49 6.43
N GLU A 444 14.60 18.84 5.52
CA GLU A 444 15.62 17.92 5.04
C GLU A 444 16.98 18.32 5.60
N ASN A 445 17.76 17.32 6.00
CA ASN A 445 19.17 17.49 6.28
C ASN A 445 19.91 16.70 5.20
N ARG A 446 20.54 17.42 4.27
CA ARG A 446 21.17 16.83 3.09
C ARG A 446 22.66 17.03 3.24
N SER A 447 23.36 15.96 3.61
CA SER A 447 24.80 15.98 3.85
C SER A 447 25.17 17.14 4.78
N GLY A 448 24.40 17.29 5.85
CA GLY A 448 24.65 18.29 6.86
C GLY A 448 24.00 19.64 6.62
N CYS A 449 23.48 19.89 5.42
CA CYS A 449 22.86 21.17 5.09
C CYS A 449 21.35 21.07 5.32
N GLN A 450 20.83 21.91 6.20
CA GLN A 450 19.43 21.85 6.59
C GLN A 450 18.59 22.85 5.81
N LYS A 451 17.40 22.41 5.40
CA LYS A 451 16.54 23.19 4.53
C LYS A 451 15.09 22.84 4.85
N THR A 452 14.27 23.85 5.08
CA THR A 452 12.85 23.65 5.28
C THR A 452 12.17 23.48 3.93
N LEU A 453 11.55 22.32 3.71
CA LEU A 453 10.89 22.05 2.44
C LEU A 453 9.42 22.42 2.44
N GLY A 454 8.82 22.62 3.59
CA GLY A 454 7.42 22.98 3.65
C GLY A 454 7.00 23.32 5.06
N LYS A 455 6.04 24.23 5.18
CA LYS A 455 5.51 24.60 6.48
C LYS A 455 4.07 25.02 6.28
N LYS A 456 3.15 24.29 6.91
CA LYS A 456 1.72 24.55 6.80
C LYS A 456 1.14 24.82 8.18
N HIS A 457 0.16 25.72 8.22
CA HIS A 457 -0.63 25.91 9.42
C HIS A 457 -1.28 24.60 9.84
N ALA A 458 -1.25 24.31 11.14
CA ALA A 458 -1.81 23.08 11.68
C ALA A 458 -2.88 23.40 12.71
N GLU A 459 -3.93 22.59 12.73
CA GLU A 459 -4.96 22.67 13.76
C GLU A 459 -4.56 21.83 14.97
N ALA A 460 -5.15 22.16 16.11
CA ALA A 460 -4.91 21.39 17.33
C ALA A 460 -5.61 20.03 17.25
N GLY A 461 -5.19 19.13 18.12
CA GLY A 461 -5.85 17.85 18.26
C GLY A 461 -5.08 16.70 17.65
N PRO A 462 -5.59 15.49 17.85
CA PRO A 462 -5.00 14.31 17.19
C PRO A 462 -4.79 14.53 15.70
N LEU A 463 -3.71 13.95 15.19
CA LEU A 463 -3.17 14.29 13.88
C LEU A 463 -2.61 13.02 13.24
N PHE A 464 -2.69 12.97 11.90
CA PHE A 464 -2.17 11.85 11.12
C PHE A 464 -1.09 12.35 10.20
N LEU A 465 0.06 11.68 10.18
CA LEU A 465 1.17 12.01 9.31
C LEU A 465 1.49 10.83 8.41
N LYS A 466 1.81 11.10 7.15
CA LYS A 466 2.08 10.04 6.19
C LYS A 466 3.28 10.41 5.34
N ALA A 467 4.24 9.50 5.24
CA ALA A 467 5.35 9.61 4.31
C ALA A 467 5.09 8.70 3.12
N VAL A 468 5.22 9.24 1.91
CA VAL A 468 5.01 8.48 0.68
C VAL A 468 6.34 8.45 -0.07
N ILE A 469 6.87 7.24 -0.26
CA ILE A 469 8.16 7.06 -0.91
C ILE A 469 7.94 6.38 -2.25
N ASN A 470 8.40 7.04 -3.33
CA ASN A 470 8.36 6.47 -4.68
C ASN A 470 9.76 6.66 -5.27
N LYS A 471 10.59 5.62 -5.14
CA LYS A 471 11.97 5.63 -5.62
C LYS A 471 12.70 6.79 -4.93
N GLN A 472 13.26 7.74 -5.65
CA GLN A 472 13.96 8.85 -5.01
C GLN A 472 13.05 10.05 -4.78
N LYS A 473 11.75 9.91 -5.00
CA LYS A 473 10.78 10.95 -4.69
C LYS A 473 10.10 10.61 -3.37
N ARG A 474 10.07 11.59 -2.46
CA ARG A 474 9.49 11.37 -1.14
C ARG A 474 8.62 12.56 -0.78
N ASP A 475 7.43 12.30 -0.25
CA ASP A 475 6.49 13.34 0.09
C ASP A 475 5.84 13.03 1.44
N PHE A 476 5.45 14.08 2.14
CA PHE A 476 4.79 13.95 3.42
C PHE A 476 3.42 14.61 3.36
N TYR A 477 2.46 13.98 4.02
CA TYR A 477 1.08 14.44 4.05
C TYR A 477 0.58 14.43 5.49
N TYR A 478 -0.38 15.30 5.77
CA TYR A 478 -1.02 15.33 7.07
C TYR A 478 -2.53 15.26 6.89
N SER A 479 -3.20 14.81 7.95
CA SER A 479 -4.64 14.62 7.95
C SER A 479 -5.14 14.77 9.36
N TYR A 480 -6.37 15.26 9.50
CA TYR A 480 -6.98 15.39 10.81
C TYR A 480 -7.94 14.25 11.16
N GLU A 481 -8.25 13.38 10.20
CA GLU A 481 -9.09 12.22 10.50
C GLU A 481 -8.68 10.96 9.75
N GLY A 482 -7.58 10.98 9.01
CA GLY A 482 -7.08 9.81 8.34
C GLY A 482 -7.68 9.52 6.99
N LYS A 483 -8.55 10.38 6.49
CA LYS A 483 -9.22 10.21 5.21
C LYS A 483 -8.79 11.22 4.15
N HIS A 484 -8.61 12.47 4.54
CA HIS A 484 -8.28 13.55 3.62
C HIS A 484 -6.86 14.02 3.92
N TRP A 485 -5.95 13.79 2.98
CA TRP A 485 -4.53 14.05 3.14
C TRP A 485 -4.14 15.32 2.41
N HIS A 486 -3.31 16.13 3.07
CA HIS A 486 -2.85 17.40 2.52
C HIS A 486 -1.33 17.41 2.46
N HIS A 487 -0.79 17.89 1.34
CA HIS A 487 0.65 17.88 1.13
C HIS A 487 1.32 18.84 2.11
N ALA A 488 2.30 18.34 2.85
CA ALA A 488 3.11 19.18 3.73
C ALA A 488 4.41 19.61 3.09
N GLY A 489 5.00 18.76 2.26
CA GLY A 489 6.27 19.05 1.61
C GLY A 489 6.94 17.75 1.20
N GLY A 490 7.98 17.90 0.39
CA GLY A 490 8.70 16.74 -0.09
C GLY A 490 9.85 17.14 -0.98
N THR A 491 10.53 16.12 -1.51
CA THR A 491 11.67 16.32 -2.38
C THR A 491 11.59 15.35 -3.56
N GLU A 492 12.16 15.76 -4.69
CA GLU A 492 12.27 14.93 -5.87
C GLU A 492 13.56 14.15 -5.93
N ASP A 493 14.47 14.37 -4.97
CA ASP A 493 15.80 13.73 -4.99
C ASP A 493 16.18 13.37 -3.56
N ALA A 494 15.78 12.18 -3.13
CA ALA A 494 16.16 11.66 -1.82
C ALA A 494 17.43 10.82 -1.88
N SER A 495 18.28 11.02 -2.90
CA SER A 495 19.45 10.17 -3.04
C SER A 495 20.46 10.37 -1.93
N PHE A 496 20.36 11.44 -1.13
CA PHE A 496 21.24 11.60 0.01
C PHE A 496 20.93 10.60 1.11
N LEU A 497 19.77 9.97 1.07
CA LEU A 497 19.41 8.90 2.02
C LEU A 497 19.88 7.56 1.47
N SER A 498 21.21 7.39 1.47
CA SER A 498 21.83 6.18 0.94
C SER A 498 23.28 6.15 1.38
N ASP A 499 23.88 4.96 1.33
CA ASP A 499 25.30 4.82 1.63
C ASP A 499 26.13 5.79 0.79
N GLU A 500 25.87 5.82 -0.52
CA GLU A 500 26.71 6.57 -1.44
C GLU A 500 26.34 8.05 -1.49
N GLY A 501 25.06 8.38 -1.34
CA GLY A 501 24.65 9.77 -1.39
C GLY A 501 24.82 10.54 -0.10
N SER A 502 25.06 9.85 1.02
CA SER A 502 25.14 10.53 2.31
C SER A 502 26.32 11.49 2.36
N ARG A 503 27.42 11.15 1.69
CA ARG A 503 28.71 11.85 1.78
C ARG A 503 29.27 11.82 3.20
N ASP A 504 28.77 10.93 4.06
CA ASP A 504 29.34 10.76 5.38
C ASP A 504 30.71 10.10 5.28
N ALA A 505 31.52 10.29 6.32
CA ALA A 505 32.85 9.67 6.36
C ALA A 505 32.75 8.16 6.16
N LYS A 506 31.80 7.53 6.83
CA LYS A 506 31.45 6.14 6.60
C LYS A 506 29.94 6.07 6.40
N GLY A 507 29.52 5.30 5.40
CA GLY A 507 28.11 5.09 5.13
C GLY A 507 27.81 3.60 5.04
N HIS A 508 27.53 2.98 6.18
CA HIS A 508 27.37 1.53 6.27
C HIS A 508 25.97 1.10 6.67
N THR A 509 25.05 2.03 6.92
CA THR A 509 23.76 1.61 7.46
C THR A 509 22.72 1.55 6.34
N GLY A 510 21.63 2.27 6.50
CA GLY A 510 20.56 2.24 5.54
C GLY A 510 19.45 3.15 6.02
N THR A 511 18.64 3.61 5.08
CA THR A 511 17.56 4.51 5.46
C THR A 511 16.54 3.76 6.30
N MET A 512 16.20 4.35 7.44
CA MET A 512 15.20 3.82 8.35
C MET A 512 14.04 4.80 8.42
N VAL A 513 12.88 4.32 8.85
CA VAL A 513 11.70 5.16 8.94
C VAL A 513 11.05 4.92 10.30
N GLY A 514 10.64 6.00 10.95
CA GLY A 514 10.10 5.88 12.30
C GLY A 514 9.66 7.20 12.89
N ILE A 515 9.82 7.34 14.20
CA ILE A 515 9.23 8.46 14.93
C ILE A 515 10.28 9.10 15.82
N PHE A 516 10.00 10.33 16.23
CA PHE A 516 10.90 11.11 17.06
C PHE A 516 10.12 12.24 17.72
N ALA A 517 10.68 12.75 18.82
CA ALA A 517 10.15 13.92 19.49
C ALA A 517 11.30 14.64 20.20
N ASN A 518 11.30 15.98 20.14
CA ASN A 518 12.29 16.75 20.88
C ASN A 518 11.74 18.13 21.18
N ASN A 519 12.43 18.84 22.07
CA ASN A 519 12.01 20.17 22.50
C ASN A 519 12.84 21.28 21.90
N GLY A 520 13.68 20.98 20.91
CA GLY A 520 14.50 21.99 20.27
C GLY A 520 15.58 22.58 21.14
N GLY A 521 15.89 21.98 22.29
CA GLY A 521 16.91 22.49 23.18
C GLY A 521 16.39 23.28 24.36
N SER A 522 15.08 23.45 24.49
CA SER A 522 14.51 24.18 25.62
C SER A 522 14.62 23.39 26.92
N GLY A 523 14.69 22.07 26.85
CA GLY A 523 14.70 21.24 28.04
C GLY A 523 13.32 20.82 28.53
N ARG A 524 12.25 21.36 27.95
CA ARG A 524 10.91 21.04 28.41
C ARG A 524 10.54 19.61 28.03
N LYS A 525 9.72 18.99 28.87
CA LYS A 525 9.29 17.61 28.69
C LYS A 525 7.80 17.58 28.34
N ALA A 526 7.49 17.32 27.08
CA ALA A 526 6.13 17.13 26.62
C ALA A 526 5.98 15.71 26.07
N ALA A 527 4.82 15.10 26.34
CA ALA A 527 4.56 13.74 25.88
C ALA A 527 4.05 13.75 24.45
N ALA A 528 4.71 12.98 23.58
CA ALA A 528 4.25 12.74 22.22
C ALA A 528 3.75 11.30 22.15
N ASP A 529 2.43 11.13 22.05
CA ASP A 529 1.80 9.82 22.11
C ASP A 529 1.43 9.37 20.70
N PHE A 530 2.12 8.32 20.23
CA PHE A 530 1.85 7.73 18.92
C PHE A 530 0.89 6.56 19.11
N ASP A 531 -0.33 6.69 18.56
CA ASP A 531 -1.31 5.62 18.64
C ASP A 531 -0.85 4.39 17.86
N TRP A 532 -0.34 4.58 16.65
CA TRP A 532 0.09 3.45 15.84
C TRP A 532 1.07 3.92 14.78
N PHE A 533 1.76 2.95 14.19
CA PHE A 533 2.64 3.14 13.06
C PHE A 533 2.29 2.11 12.01
N ARG A 534 2.15 2.55 10.76
CA ARG A 534 1.63 1.71 9.68
C ARG A 534 2.57 1.79 8.49
N TYR A 535 3.12 0.65 8.09
CA TYR A 535 4.00 0.53 6.94
C TYR A 535 3.26 -0.23 5.85
N ILE A 536 3.18 0.35 4.66
CA ILE A 536 2.46 -0.26 3.54
C ILE A 536 3.37 -0.28 2.32
N ALA A 537 3.73 -1.49 1.87
CA ALA A 537 4.41 -1.64 0.59
C ALA A 537 3.36 -1.65 -0.52
N TYR A 538 3.58 -0.85 -1.56
CA TYR A 538 2.61 -0.79 -2.64
C TYR A 538 3.26 -1.08 -3.99
N HIS B 28 -17.74 4.20 18.54
CA HIS B 28 -17.08 4.23 17.25
C HIS B 28 -17.35 5.53 16.49
N THR B 29 -16.42 5.88 15.61
CA THR B 29 -16.62 6.96 14.66
C THR B 29 -16.33 6.44 13.26
N TYR B 30 -16.81 7.15 12.25
CA TYR B 30 -16.53 6.83 10.86
C TYR B 30 -16.24 8.11 10.12
N THR B 31 -15.55 7.99 8.99
CA THR B 31 -15.23 9.13 8.14
C THR B 31 -15.91 8.95 6.78
N ASN B 32 -16.63 9.98 6.34
CA ASN B 32 -17.27 9.94 5.05
C ASN B 32 -16.23 9.99 3.93
N PRO B 33 -16.57 9.46 2.75
CA PRO B 33 -17.77 8.69 2.42
C PRO B 33 -17.70 7.29 3.00
N VAL B 34 -18.85 6.64 3.23
CA VAL B 34 -18.82 5.27 3.76
C VAL B 34 -18.73 4.24 2.64
N LEU B 35 -19.21 4.55 1.45
CA LEU B 35 -19.06 3.67 0.29
C LEU B 35 -18.30 4.47 -0.76
N THR B 36 -16.99 4.26 -0.80
CA THR B 36 -16.07 5.07 -1.58
C THR B 36 -16.00 4.57 -3.01
N GLY B 37 -15.52 5.44 -3.89
CA GLY B 37 -15.50 5.14 -5.30
C GLY B 37 -16.84 5.39 -5.96
N PHE B 38 -16.89 5.04 -7.24
CA PHE B 38 -18.02 5.32 -8.13
C PHE B 38 -19.30 4.69 -7.60
N HIS B 39 -20.05 5.45 -6.80
CA HIS B 39 -21.29 4.99 -6.17
C HIS B 39 -22.26 6.16 -6.05
N PRO B 40 -22.81 6.63 -7.16
CA PRO B 40 -23.71 7.79 -7.12
C PRO B 40 -25.14 7.38 -6.83
N ASP B 41 -25.96 8.39 -6.54
CA ASP B 41 -27.41 8.25 -6.41
C ASP B 41 -27.85 7.12 -5.48
N PRO B 42 -27.43 7.13 -4.21
CA PRO B 42 -27.74 6.01 -3.33
C PRO B 42 -29.21 5.96 -2.96
N SER B 43 -29.77 4.75 -2.97
CA SER B 43 -31.11 4.47 -2.47
C SER B 43 -31.03 3.29 -1.53
N ILE B 44 -31.62 3.43 -0.33
CA ILE B 44 -31.37 2.48 0.76
C ILE B 44 -32.69 2.00 1.36
N ILE B 45 -32.69 0.75 1.83
CA ILE B 45 -33.77 0.18 2.63
C ILE B 45 -33.17 -0.65 3.76
N ARG B 46 -33.99 -0.89 4.78
CA ARG B 46 -33.68 -1.84 5.84
C ARG B 46 -34.72 -2.94 5.83
N VAL B 47 -34.27 -4.18 5.81
CA VAL B 47 -35.14 -5.34 6.00
C VAL B 47 -34.61 -6.07 7.22
N GLY B 48 -35.29 -5.92 8.34
CA GLY B 48 -34.83 -6.57 9.56
C GLY B 48 -33.51 -5.97 10.00
N GLU B 49 -32.48 -6.80 10.14
CA GLU B 49 -31.17 -6.35 10.54
C GLU B 49 -30.28 -6.03 9.34
N ASP B 50 -30.78 -6.15 8.12
CA ASP B 50 -29.99 -6.01 6.92
C ASP B 50 -30.33 -4.71 6.19
N TYR B 51 -29.29 -4.05 5.68
CA TYR B 51 -29.44 -2.83 4.91
C TYR B 51 -28.97 -3.09 3.49
N TYR B 52 -29.77 -2.63 2.52
CA TYR B 52 -29.45 -2.82 1.11
C TYR B 52 -29.46 -1.46 0.43
N MET B 53 -28.54 -1.28 -0.51
CA MET B 53 -28.39 0.00 -1.18
C MET B 53 -28.12 -0.26 -2.66
N VAL B 54 -28.65 0.62 -3.51
CA VAL B 54 -28.38 0.55 -4.94
C VAL B 54 -27.74 1.86 -5.37
N ASN B 55 -26.89 1.78 -6.39
CA ASN B 55 -26.26 2.96 -6.97
C ASN B 55 -26.31 2.84 -8.48
N SER B 56 -26.29 3.98 -9.16
CA SER B 56 -26.39 4.02 -10.61
C SER B 56 -25.08 3.56 -11.26
N THR B 57 -25.20 3.00 -12.46
CA THR B 57 -24.08 2.41 -13.16
C THR B 57 -23.87 2.91 -14.58
N PHE B 58 -24.84 3.62 -15.16
CA PHE B 58 -24.67 4.31 -16.44
C PHE B 58 -24.31 3.33 -17.56
N GLN B 59 -23.11 3.41 -18.13
CA GLN B 59 -22.77 2.49 -19.22
C GLN B 59 -22.14 1.18 -18.72
N TYR B 60 -22.08 0.96 -17.42
CA TYR B 60 -21.37 -0.22 -16.91
C TYR B 60 -22.31 -1.41 -16.78
N PHE B 61 -21.73 -2.60 -16.90
CA PHE B 61 -22.49 -3.85 -16.84
C PHE B 61 -21.75 -4.85 -15.95
N PRO B 62 -22.49 -5.60 -15.11
CA PRO B 62 -23.94 -5.61 -14.94
C PRO B 62 -24.49 -4.31 -14.36
N ALA B 63 -25.75 -4.00 -14.64
CA ALA B 63 -26.30 -2.69 -14.31
C ALA B 63 -26.94 -2.69 -12.93
N ILE B 64 -26.80 -1.56 -12.23
CA ILE B 64 -27.34 -1.30 -10.90
C ILE B 64 -26.63 -2.15 -9.86
N VAL B 65 -25.63 -1.58 -9.20
CA VAL B 65 -24.88 -2.32 -8.18
C VAL B 65 -25.69 -2.35 -6.89
N ILE B 66 -25.71 -3.51 -6.24
CA ILE B 66 -26.46 -3.72 -5.01
C ILE B 66 -25.50 -4.05 -3.89
N SER B 67 -25.56 -3.30 -2.80
CA SER B 67 -24.64 -3.47 -1.68
C SER B 67 -25.41 -3.77 -0.40
N HIS B 68 -24.68 -4.39 0.55
CA HIS B 68 -25.25 -4.87 1.80
C HIS B 68 -24.42 -4.37 2.98
N SER B 69 -25.10 -4.15 4.10
CA SER B 69 -24.42 -3.69 5.31
C SER B 69 -25.25 -4.08 6.52
N LYS B 70 -24.56 -4.29 7.65
CA LYS B 70 -25.22 -4.46 8.94
C LYS B 70 -25.11 -3.22 9.83
N ASP B 71 -24.17 -2.31 9.53
CA ASP B 71 -23.89 -1.20 10.42
C ASP B 71 -23.96 0.17 9.76
N LEU B 72 -24.35 0.23 8.47
CA LEU B 72 -24.48 1.44 7.66
C LEU B 72 -23.14 2.06 7.28
N VAL B 73 -22.05 1.58 7.86
CA VAL B 73 -20.73 2.13 7.60
C VAL B 73 -19.94 1.26 6.62
N HIS B 74 -19.91 -0.04 6.85
CA HIS B 74 -19.14 -0.96 6.03
C HIS B 74 -20.08 -1.65 5.04
N TRP B 75 -19.79 -1.52 3.76
CA TRP B 75 -20.66 -1.99 2.70
C TRP B 75 -19.94 -3.00 1.83
N LYS B 76 -20.68 -4.01 1.39
CA LYS B 76 -20.17 -5.04 0.51
C LYS B 76 -21.11 -5.18 -0.68
N ILE B 77 -20.54 -5.29 -1.88
CA ILE B 77 -21.35 -5.55 -3.06
C ILE B 77 -21.82 -7.00 -3.05
N ILE B 78 -23.12 -7.21 -3.19
CA ILE B 78 -23.69 -8.56 -3.18
C ILE B 78 -24.33 -8.95 -4.51
N GLY B 79 -24.47 -8.04 -5.46
CA GLY B 79 -25.05 -8.40 -6.74
C GLY B 79 -25.31 -7.16 -7.58
N HIS B 80 -26.03 -7.39 -8.67
CA HIS B 80 -26.44 -6.32 -9.57
C HIS B 80 -27.85 -6.60 -10.06
N GLY B 81 -28.56 -5.55 -10.42
CA GLY B 81 -29.96 -5.71 -10.80
C GLY B 81 -30.14 -6.39 -12.14
N ILE B 82 -29.33 -6.02 -13.13
CA ILE B 82 -29.46 -6.51 -14.49
C ILE B 82 -28.15 -7.16 -14.88
N THR B 83 -28.15 -8.49 -15.00
CA THR B 83 -26.93 -9.25 -15.24
C THR B 83 -26.88 -9.95 -16.59
N GLU B 84 -27.97 -10.01 -17.33
CA GLU B 84 -28.03 -10.74 -18.58
C GLU B 84 -28.08 -9.75 -19.75
N ASN B 85 -27.28 -10.01 -20.78
CA ASN B 85 -27.21 -9.09 -21.92
C ASN B 85 -28.56 -8.92 -22.58
N GLU B 86 -29.40 -9.95 -22.56
CA GLU B 86 -30.73 -9.86 -23.14
C GLU B 86 -31.63 -8.87 -22.39
N GLY B 87 -31.27 -8.53 -21.15
CA GLY B 87 -32.12 -7.63 -20.38
C GLY B 87 -31.90 -6.16 -20.68
N LEU B 88 -30.71 -5.79 -21.15
CA LEU B 88 -30.40 -4.38 -21.36
C LEU B 88 -29.21 -4.27 -22.31
N ASP B 89 -29.38 -3.55 -23.41
CA ASP B 89 -28.35 -3.42 -24.43
C ASP B 89 -27.69 -2.06 -24.27
N LEU B 90 -26.53 -2.05 -23.60
CA LEU B 90 -25.72 -0.85 -23.44
C LEU B 90 -24.57 -0.80 -24.44
N SER B 91 -24.52 -1.72 -25.40
CA SER B 91 -23.35 -1.83 -26.27
C SER B 91 -23.10 -0.55 -27.05
N ASP B 92 -24.15 0.22 -27.33
CA ASP B 92 -24.03 1.45 -28.10
C ASP B 92 -24.48 2.68 -27.31
N ILE B 93 -24.61 2.55 -25.99
CA ILE B 93 -25.03 3.67 -25.15
C ILE B 93 -23.85 4.59 -24.89
N ASN B 94 -24.10 5.89 -25.02
CA ASN B 94 -23.03 6.87 -24.89
C ASN B 94 -22.56 6.98 -23.44
N ASP B 95 -21.35 7.54 -23.28
CA ASP B 95 -20.76 7.74 -21.98
C ASP B 95 -21.70 8.52 -21.07
N SER B 96 -21.87 8.03 -19.84
CA SER B 96 -22.69 8.62 -18.80
C SER B 96 -24.17 8.71 -19.16
N HIS B 97 -24.61 8.03 -20.21
CA HIS B 97 -26.02 7.78 -20.44
C HIS B 97 -26.37 6.44 -19.77
N GLY B 98 -27.40 5.76 -20.23
CA GLY B 98 -27.72 4.46 -19.65
C GLY B 98 -28.43 4.55 -18.31
N ILE B 99 -28.04 3.70 -17.37
CA ILE B 99 -28.81 3.51 -16.14
C ILE B 99 -28.48 4.61 -15.15
N TRP B 100 -29.48 5.45 -14.83
CA TRP B 100 -29.29 6.56 -13.93
C TRP B 100 -29.77 6.20 -12.52
N ALA B 101 -30.18 7.20 -11.74
CA ALA B 101 -30.50 7.03 -10.33
C ALA B 101 -31.46 5.85 -10.12
N PRO B 102 -31.05 4.81 -9.39
CA PRO B 102 -31.96 3.70 -9.11
C PRO B 102 -32.64 3.86 -7.76
N ASP B 103 -33.77 3.19 -7.57
CA ASP B 103 -34.51 3.24 -6.31
C ASP B 103 -34.86 1.81 -5.93
N ILE B 104 -34.51 1.42 -4.71
CA ILE B 104 -34.84 0.09 -4.21
C ILE B 104 -35.92 0.24 -3.15
N SER B 105 -36.84 -0.72 -3.13
CA SER B 105 -37.91 -0.74 -2.14
C SER B 105 -38.29 -2.19 -1.89
N TYR B 106 -38.97 -2.40 -0.77
CA TYR B 106 -39.36 -3.74 -0.33
C TYR B 106 -40.78 -3.65 0.21
N HIS B 107 -41.62 -4.57 -0.25
CA HIS B 107 -43.03 -4.54 0.13
C HIS B 107 -43.59 -5.94 -0.01
N ASN B 108 -44.09 -6.50 1.09
CA ASN B 108 -44.77 -7.80 1.09
C ASN B 108 -43.91 -8.89 0.46
N GLY B 109 -42.62 -8.88 0.81
CA GLY B 109 -41.73 -9.93 0.35
C GLY B 109 -41.15 -9.74 -1.03
N THR B 110 -41.36 -8.59 -1.67
CA THR B 110 -40.84 -8.33 -3.01
C THR B 110 -39.90 -7.15 -2.97
N PHE B 111 -38.69 -7.35 -3.50
CA PHE B 111 -37.73 -6.28 -3.71
C PHE B 111 -37.98 -5.67 -5.08
N TYR B 112 -38.20 -4.36 -5.12
CA TYR B 112 -38.39 -3.63 -6.37
C TYR B 112 -37.21 -2.70 -6.61
N ILE B 113 -36.80 -2.58 -7.86
CA ILE B 113 -35.81 -1.59 -8.27
C ILE B 113 -36.35 -0.88 -9.51
N PHE B 114 -36.46 0.45 -9.41
CA PHE B 114 -36.78 1.30 -10.55
C PHE B 114 -35.55 2.13 -10.90
N ALA B 115 -35.41 2.47 -12.18
CA ALA B 115 -34.33 3.35 -12.61
C ALA B 115 -34.67 3.91 -13.98
N THR B 116 -34.17 5.12 -14.25
CA THR B 116 -34.24 5.68 -15.58
C THR B 116 -33.16 5.07 -16.46
N HIS B 117 -33.54 4.72 -17.68
CA HIS B 117 -32.61 4.34 -18.74
C HIS B 117 -32.51 5.51 -19.71
N ARG B 118 -31.36 6.17 -19.74
CA ARG B 118 -31.16 7.35 -20.58
C ARG B 118 -30.64 6.92 -21.95
N LEU B 119 -31.44 7.14 -22.98
CA LEU B 119 -31.04 6.81 -24.34
C LEU B 119 -30.07 7.87 -24.87
N ASN B 120 -29.48 7.57 -26.04
CA ASN B 120 -28.51 8.48 -26.63
C ASN B 120 -29.17 9.76 -27.14
N GLY B 121 -30.43 9.68 -27.54
CA GLY B 121 -31.14 10.81 -28.09
C GLY B 121 -32.55 10.40 -28.47
N PRO B 122 -33.29 11.29 -29.13
CA PRO B 122 -34.69 11.01 -29.46
C PRO B 122 -34.87 9.68 -30.20
N THR B 123 -35.65 8.78 -29.62
CA THR B 123 -35.85 7.44 -30.14
C THR B 123 -37.34 7.13 -30.20
N VAL B 124 -37.78 6.57 -31.31
CA VAL B 124 -39.19 6.22 -31.51
C VAL B 124 -39.40 4.80 -30.98
N ILE B 125 -40.19 4.68 -29.90
CA ILE B 125 -40.49 3.40 -29.27
C ILE B 125 -42.00 3.22 -29.28
N ASN B 126 -42.47 2.20 -30.00
CA ASN B 126 -43.89 1.91 -30.11
C ASN B 126 -44.70 3.17 -30.43
N GLY B 127 -44.20 3.92 -31.41
CA GLY B 127 -44.90 5.09 -31.91
C GLY B 127 -44.58 6.40 -31.22
N ARG B 128 -44.01 6.37 -30.02
CA ARG B 128 -43.75 7.58 -29.25
C ARG B 128 -42.25 7.87 -29.22
N LYS B 129 -41.92 9.16 -29.17
CA LYS B 129 -40.53 9.63 -29.22
C LYS B 129 -40.04 9.93 -27.80
N LEU B 130 -38.92 9.31 -27.42
CA LEU B 130 -38.43 9.38 -26.05
C LEU B 130 -36.91 9.53 -26.02
N ILE B 131 -36.42 10.18 -24.98
CA ILE B 131 -35.00 10.18 -24.64
C ILE B 131 -34.71 9.43 -23.36
N ARG B 132 -35.74 9.01 -22.63
CA ARG B 132 -35.58 8.22 -21.41
C ARG B 132 -36.64 7.13 -21.37
N ARG B 133 -36.32 6.05 -20.68
CA ARG B 133 -37.30 5.04 -20.30
C ARG B 133 -37.11 4.73 -18.83
N GLN B 134 -38.20 4.34 -18.17
CA GLN B 134 -38.11 3.86 -16.80
C GLN B 134 -38.08 2.34 -16.82
N ILE B 135 -37.26 1.77 -15.93
CA ILE B 135 -37.08 0.33 -15.83
C ILE B 135 -37.64 -0.13 -14.50
N MET B 136 -38.34 -1.26 -14.50
CA MET B 136 -38.76 -1.91 -13.27
C MET B 136 -38.30 -3.37 -13.28
N ILE B 137 -37.58 -3.75 -12.23
CA ILE B 137 -37.21 -5.14 -11.99
C ILE B 137 -37.64 -5.50 -10.57
N LYS B 138 -37.85 -6.79 -10.33
CA LYS B 138 -38.24 -7.22 -9.00
C LYS B 138 -37.71 -8.62 -8.73
N SER B 139 -37.70 -8.98 -7.45
CA SER B 139 -37.13 -10.24 -7.00
C SER B 139 -37.62 -10.52 -5.58
N SER B 140 -37.61 -11.80 -5.21
CA SER B 140 -37.89 -12.19 -3.84
C SER B 140 -36.65 -12.14 -2.96
N ARG B 141 -35.47 -11.96 -3.55
CA ARG B 141 -34.21 -11.90 -2.82
C ARG B 141 -33.51 -10.57 -3.10
N PRO B 142 -32.84 -9.98 -2.10
CA PRO B 142 -32.19 -8.68 -2.33
C PRO B 142 -31.11 -8.74 -3.41
N GLU B 143 -30.30 -9.79 -3.42
CA GLU B 143 -29.26 -9.92 -4.43
C GLU B 143 -29.79 -10.41 -5.77
N GLY B 144 -31.07 -10.71 -5.87
CA GLY B 144 -31.62 -11.26 -7.09
C GLY B 144 -31.52 -12.77 -7.14
N PRO B 145 -31.59 -13.36 -8.35
CA PRO B 145 -31.70 -12.70 -9.65
C PRO B 145 -33.02 -11.96 -9.85
N TYR B 146 -32.95 -10.78 -10.45
CA TYR B 146 -34.13 -9.97 -10.67
C TYR B 146 -34.81 -10.34 -11.99
N SER B 147 -36.09 -10.02 -12.09
CA SER B 147 -36.83 -10.22 -13.32
C SER B 147 -36.19 -9.44 -14.47
N LYS B 148 -36.45 -9.91 -15.68
CA LYS B 148 -35.98 -9.20 -16.86
C LYS B 148 -36.58 -7.79 -16.88
N PRO B 149 -35.78 -6.76 -17.21
CA PRO B 149 -36.27 -5.38 -17.13
C PRO B 149 -37.56 -5.16 -17.92
N VAL B 150 -38.54 -4.56 -17.25
CA VAL B 150 -39.77 -4.09 -17.86
C VAL B 150 -39.67 -2.58 -18.03
N PHE B 151 -40.06 -2.09 -19.19
CA PHE B 151 -39.93 -0.68 -19.51
C PHE B 151 -41.27 0.03 -19.30
N ILE B 152 -41.26 1.03 -18.43
CA ILE B 152 -42.38 1.97 -18.30
C ILE B 152 -41.99 3.21 -19.09
N ASP B 153 -42.63 3.41 -20.24
CA ASP B 153 -42.18 4.41 -21.20
C ASP B 153 -42.82 5.77 -20.94
N GLU B 154 -42.52 6.29 -19.75
CA GLU B 154 -42.85 7.65 -19.36
C GLU B 154 -41.56 8.46 -19.45
N GLY B 155 -41.39 9.18 -20.57
CA GLY B 155 -40.17 9.91 -20.83
C GLY B 155 -40.14 11.33 -20.30
N SER B 156 -41.09 11.71 -19.46
CA SER B 156 -41.23 13.09 -19.02
C SER B 156 -40.28 13.49 -17.91
N GLY B 157 -39.56 12.55 -17.30
CA GLY B 157 -38.67 12.88 -16.20
C GLY B 157 -37.77 11.72 -15.86
N ILE B 158 -36.95 11.94 -14.82
CA ILE B 158 -35.96 10.96 -14.38
C ILE B 158 -36.18 10.62 -12.92
N ASP B 159 -35.43 9.62 -12.45
CA ASP B 159 -35.32 9.20 -11.05
C ASP B 159 -36.62 8.62 -10.52
N PRO B 160 -37.11 7.51 -11.08
CA PRO B 160 -38.34 6.91 -10.55
C PRO B 160 -38.15 6.42 -9.12
N SER B 161 -39.19 6.62 -8.30
CA SER B 161 -39.15 6.23 -6.90
C SER B 161 -40.44 5.53 -6.54
N HIS B 162 -40.34 4.34 -5.96
CA HIS B 162 -41.49 3.55 -5.60
C HIS B 162 -42.06 4.02 -4.26
N PHE B 163 -43.36 4.28 -4.22
CA PHE B 163 -44.04 4.61 -2.97
C PHE B 163 -45.33 3.82 -2.85
N VAL B 164 -45.55 3.20 -1.70
CA VAL B 164 -46.78 2.46 -1.43
C VAL B 164 -47.49 3.15 -0.27
N ASP B 165 -48.71 3.61 -0.53
CA ASP B 165 -49.49 4.30 0.49
C ASP B 165 -50.00 3.30 1.53
N GLY B 166 -50.60 3.85 2.60
CA GLY B 166 -51.12 3.02 3.67
C GLY B 166 -52.22 2.07 3.22
N ASP B 167 -52.91 2.39 2.14
CA ASP B 167 -53.96 1.52 1.59
C ASP B 167 -53.40 0.46 0.66
N GLY B 168 -52.08 0.38 0.49
CA GLY B 168 -51.48 -0.62 -0.36
C GLY B 168 -51.40 -0.26 -1.83
N LYS B 169 -51.84 0.93 -2.23
CA LYS B 169 -51.74 1.34 -3.62
C LYS B 169 -50.30 1.73 -3.95
N HIS B 170 -49.87 1.41 -5.16
CA HIS B 170 -48.51 1.63 -5.61
C HIS B 170 -48.42 2.91 -6.43
N TYR B 171 -47.34 3.65 -6.26
CA TYR B 171 -47.09 4.89 -6.98
C TYR B 171 -45.64 4.96 -7.42
N MET B 172 -45.40 5.74 -8.47
CA MET B 172 -44.06 6.03 -8.95
C MET B 172 -43.87 7.54 -8.96
N LEU B 173 -42.94 8.02 -8.15
CA LEU B 173 -42.53 9.42 -8.21
C LEU B 173 -41.51 9.60 -9.34
N LEU B 174 -41.55 10.77 -9.97
CA LEU B 174 -40.66 11.04 -11.08
C LEU B 174 -40.44 12.55 -11.14
N SER B 175 -39.30 12.95 -11.69
CA SER B 175 -39.04 14.37 -11.91
C SER B 175 -39.95 14.83 -13.05
N PRO B 176 -40.12 16.15 -13.24
CA PRO B 176 -39.57 17.28 -12.49
C PRO B 176 -40.15 17.41 -11.09
N ALA B 177 -39.28 17.63 -10.11
CA ALA B 177 -39.66 17.77 -8.70
C ALA B 177 -40.41 16.50 -8.29
N CYS B 178 -41.50 16.60 -7.55
CA CYS B 178 -42.26 15.43 -7.10
C CYS B 178 -43.50 15.30 -7.98
N THR B 179 -43.38 14.54 -9.07
CA THR B 179 -44.50 14.23 -9.94
C THR B 179 -44.95 12.80 -9.65
N LEU B 180 -46.21 12.64 -9.23
CA LEU B 180 -46.71 11.39 -8.70
C LEU B 180 -47.55 10.67 -9.76
N PHE B 181 -47.10 9.48 -10.17
CA PHE B 181 -47.84 8.63 -11.09
C PHE B 181 -48.42 7.45 -10.33
N PRO B 182 -49.71 7.14 -10.52
CA PRO B 182 -50.23 5.87 -9.98
C PRO B 182 -49.75 4.69 -10.80
N LEU B 183 -49.49 3.58 -10.14
CA LEU B 183 -49.06 2.35 -10.79
C LEU B 183 -50.09 1.25 -10.54
N ASN B 184 -50.14 0.29 -11.45
CA ASN B 184 -50.93 -0.90 -11.18
C ASN B 184 -50.23 -1.74 -10.11
N GLU B 185 -50.96 -2.72 -9.58
CA GLU B 185 -50.44 -3.53 -8.48
C GLU B 185 -49.12 -4.21 -8.85
N GLU B 186 -49.02 -4.70 -10.08
N GLU B 186 -49.02 -4.72 -10.08
CA GLU B 186 -47.80 -5.36 -10.52
CA GLU B 186 -47.79 -5.36 -10.53
C GLU B 186 -46.64 -4.40 -10.73
C GLU B 186 -46.64 -4.40 -10.72
N CYS B 187 -46.90 -3.08 -10.73
CA CYS B 187 -45.89 -2.05 -10.98
C CYS B 187 -45.27 -2.17 -12.36
N THR B 188 -46.00 -2.76 -13.31
CA THR B 188 -45.53 -2.85 -14.69
C THR B 188 -46.04 -1.73 -15.57
N ASP B 189 -46.99 -0.93 -15.11
CA ASP B 189 -47.50 0.16 -15.94
C ASP B 189 -48.10 1.26 -15.07
N ILE B 190 -48.21 2.44 -15.66
CA ILE B 190 -48.85 3.58 -15.01
C ILE B 190 -50.37 3.44 -15.20
N SER B 191 -51.11 3.62 -14.10
CA SER B 191 -52.55 3.36 -14.11
C SER B 191 -53.38 4.63 -14.13
N GLY B 192 -52.77 5.81 -14.10
CA GLY B 192 -53.56 7.02 -14.10
C GLY B 192 -52.73 8.25 -14.47
N GLU B 193 -53.39 9.40 -14.38
CA GLU B 193 -52.73 10.65 -14.73
C GLU B 193 -51.76 11.07 -13.63
N PRO B 194 -50.66 11.72 -14.00
CA PRO B 194 -49.74 12.26 -12.99
C PRO B 194 -50.22 13.58 -12.40
N VAL B 195 -49.71 13.88 -11.22
CA VAL B 195 -49.92 15.16 -10.55
C VAL B 195 -48.60 15.56 -9.90
N GLN B 196 -48.16 16.79 -10.16
CA GLN B 196 -46.99 17.31 -9.46
C GLN B 196 -47.43 17.80 -8.09
N ILE B 197 -47.11 17.03 -7.04
CA ILE B 197 -47.62 17.34 -5.71
C ILE B 197 -46.76 18.40 -5.02
N TRP B 198 -45.49 18.52 -5.40
CA TRP B 198 -44.65 19.59 -4.89
C TRP B 198 -43.68 20.00 -5.99
N GLU B 199 -43.62 21.30 -6.28
CA GLU B 199 -42.77 21.82 -7.33
C GLU B 199 -41.32 22.02 -6.91
N GLY B 200 -41.02 21.90 -5.63
CA GLY B 200 -39.68 22.20 -5.15
C GLY B 200 -39.56 23.64 -4.69
N THR B 201 -38.31 24.05 -4.46
CA THR B 201 -38.03 25.35 -3.85
C THR B 201 -37.67 26.43 -4.87
N GLY B 202 -37.57 26.08 -6.15
CA GLY B 202 -37.10 27.00 -7.16
C GLY B 202 -35.64 26.84 -7.51
N ARG B 203 -34.92 25.96 -6.81
CA ARG B 203 -33.55 25.64 -7.20
C ARG B 203 -33.53 24.85 -8.51
N ARG B 204 -32.36 24.80 -9.13
CA ARG B 204 -32.22 24.13 -10.42
C ARG B 204 -32.46 22.63 -10.29
N ALA B 205 -32.91 22.04 -11.39
CA ALA B 205 -32.99 20.61 -11.61
C ALA B 205 -33.55 19.84 -10.40
N PRO B 206 -34.79 20.10 -10.00
CA PRO B 206 -35.40 19.32 -8.92
C PRO B 206 -35.60 17.89 -9.37
N GLU B 207 -34.97 16.95 -8.67
CA GLU B 207 -34.97 15.56 -9.11
C GLU B 207 -34.86 14.65 -7.88
N GLY B 208 -34.59 13.37 -8.13
CA GLY B 208 -34.54 12.36 -7.09
C GLY B 208 -35.66 12.44 -6.07
N PRO B 209 -36.91 12.51 -6.52
CA PRO B 209 -38.01 12.66 -5.55
C PRO B 209 -38.21 11.39 -4.74
N HIS B 210 -38.52 11.59 -3.46
CA HIS B 210 -38.90 10.50 -2.57
C HIS B 210 -40.03 10.97 -1.69
N LEU B 211 -40.84 10.02 -1.24
CA LEU B 211 -41.91 10.27 -0.28
C LEU B 211 -41.68 9.40 0.96
N LEU B 212 -41.91 9.98 2.13
CA LEU B 212 -41.79 9.28 3.40
C LEU B 212 -43.02 9.60 4.24
N LYS B 213 -43.64 8.57 4.78
CA LYS B 213 -44.83 8.70 5.61
C LYS B 213 -44.44 8.48 7.07
N LYS B 214 -44.58 9.52 7.89
CA LYS B 214 -44.25 9.41 9.31
C LYS B 214 -45.01 10.47 10.09
N ASP B 215 -45.38 10.11 11.32
CA ASP B 215 -45.99 11.05 12.27
C ASP B 215 -47.21 11.75 11.71
N GLY B 216 -48.00 11.05 10.89
CA GLY B 216 -49.18 11.65 10.30
C GLY B 216 -48.92 12.61 9.16
N TYR B 217 -47.68 12.70 8.67
CA TYR B 217 -47.33 13.54 7.55
C TYR B 217 -46.83 12.71 6.38
N TYR B 218 -46.99 13.25 5.18
CA TYR B 218 -46.22 12.83 4.02
C TYR B 218 -45.07 13.81 3.85
N TYR B 219 -43.84 13.29 3.88
CA TYR B 219 -42.66 14.11 3.68
C TYR B 219 -42.14 13.89 2.27
N ALA B 220 -42.00 14.97 1.51
CA ALA B 220 -41.46 14.92 0.15
C ALA B 220 -40.00 15.34 0.19
N ILE B 221 -39.13 14.57 -0.45
CA ILE B 221 -37.70 14.82 -0.45
C ILE B 221 -37.25 15.02 -1.90
N LEU B 222 -36.41 16.01 -2.12
CA LEU B 222 -35.86 16.32 -3.44
C LEU B 222 -34.36 16.51 -3.37
N ALA B 223 -33.69 16.18 -4.46
CA ALA B 223 -32.38 16.70 -4.76
C ALA B 223 -32.56 17.96 -5.59
N GLU B 224 -31.86 19.04 -5.23
CA GLU B 224 -31.97 20.29 -5.96
C GLU B 224 -30.58 20.91 -6.11
N GLY B 225 -30.49 21.84 -7.06
CA GLY B 225 -29.24 22.51 -7.37
C GLY B 225 -28.39 21.83 -8.42
N GLY B 226 -28.78 20.65 -8.88
CA GLY B 226 -27.95 19.87 -9.77
C GLY B 226 -26.84 19.15 -9.02
N THR B 227 -26.36 18.07 -9.62
CA THR B 227 -25.39 17.20 -8.94
C THR B 227 -23.98 17.79 -8.89
N GLY B 228 -23.81 19.05 -9.27
CA GLY B 228 -22.54 19.74 -9.15
C GLY B 228 -22.34 20.32 -7.77
N TYR B 229 -21.63 21.44 -7.71
CA TYR B 229 -21.23 22.01 -6.42
C TYR B 229 -22.33 22.84 -5.76
N SER B 230 -23.54 22.88 -6.34
CA SER B 230 -24.70 23.48 -5.68
C SER B 230 -25.69 22.42 -5.22
N HIS B 231 -25.31 21.14 -5.25
CA HIS B 231 -26.19 20.06 -4.84
C HIS B 231 -26.73 20.29 -3.44
N SER B 232 -27.99 19.92 -3.22
CA SER B 232 -28.60 20.05 -1.91
C SER B 232 -29.77 19.08 -1.79
N ILE B 233 -30.31 19.00 -0.57
CA ILE B 233 -31.51 18.21 -0.27
C ILE B 233 -32.53 19.16 0.36
N THR B 234 -33.74 19.19 -0.21
CA THR B 234 -34.81 20.01 0.32
C THR B 234 -36.05 19.14 0.52
N THR B 235 -36.92 19.57 1.45
CA THR B 235 -38.07 18.76 1.81
C THR B 235 -39.31 19.62 1.97
N ALA B 236 -40.45 18.94 2.03
CA ALA B 236 -41.75 19.55 2.26
C ALA B 236 -42.64 18.50 2.91
N ARG B 237 -43.80 18.94 3.41
CA ARG B 237 -44.68 18.02 4.11
C ARG B 237 -46.14 18.37 3.85
N SER B 238 -46.99 17.36 3.96
CA SER B 238 -48.43 17.51 3.81
C SER B 238 -49.13 16.42 4.60
N THR B 239 -50.33 16.73 5.08
CA THR B 239 -51.15 15.71 5.68
C THR B 239 -51.85 14.84 4.66
N HIS B 240 -51.76 15.18 3.37
CA HIS B 240 -52.42 14.45 2.31
C HIS B 240 -51.41 14.05 1.24
N LEU B 241 -51.63 12.88 0.65
CA LEU B 241 -50.71 12.36 -0.36
C LEU B 241 -50.55 13.34 -1.52
N TYR B 242 -51.66 13.92 -1.97
CA TYR B 242 -51.65 14.82 -3.13
C TYR B 242 -51.51 16.29 -2.74
N GLY B 243 -51.22 16.59 -1.48
CA GLY B 243 -50.91 17.95 -1.08
C GLY B 243 -52.06 18.73 -0.48
N PRO B 244 -51.91 20.06 -0.38
CA PRO B 244 -50.71 20.79 -0.77
C PRO B 244 -49.55 20.62 0.22
N TYR B 245 -48.32 20.81 -0.27
CA TYR B 245 -47.13 20.61 0.53
C TYR B 245 -46.55 21.95 0.94
N GLU B 246 -46.19 22.07 2.23
CA GLU B 246 -45.51 23.28 2.67
C GLU B 246 -44.02 23.03 2.78
N PRO B 247 -43.18 24.00 2.39
CA PRO B 247 -41.74 23.77 2.39
C PRO B 247 -41.17 23.76 3.80
N CYS B 248 -40.11 22.98 3.97
CA CYS B 248 -39.45 22.89 5.26
C CYS B 248 -38.74 24.20 5.60
N PRO B 249 -38.95 24.76 6.79
CA PRO B 249 -38.28 26.02 7.14
C PRO B 249 -36.77 25.90 7.28
N TYR B 250 -36.24 24.69 7.37
CA TYR B 250 -34.80 24.47 7.50
C TYR B 250 -34.13 24.18 6.17
N ASN B 251 -34.85 24.27 5.06
CA ASN B 251 -34.25 24.06 3.74
C ASN B 251 -33.08 25.02 3.54
N PRO B 252 -31.98 24.52 2.94
CA PRO B 252 -31.76 23.13 2.59
C PRO B 252 -31.33 22.29 3.79
N ILE B 253 -31.89 21.09 3.95
CA ILE B 253 -31.57 20.29 5.13
C ILE B 253 -30.24 19.57 5.00
N LEU B 254 -29.63 19.57 3.82
CA LEU B 254 -28.25 19.13 3.64
C LEU B 254 -27.68 19.83 2.42
N THR B 255 -26.52 20.44 2.58
CA THR B 255 -25.72 20.98 1.48
C THR B 255 -24.35 21.32 2.04
N GLN B 256 -23.39 21.51 1.13
CA GLN B 256 -22.04 21.91 1.51
C GLN B 256 -21.87 23.39 1.22
N THR B 257 -21.87 24.20 2.28
CA THR B 257 -21.65 25.64 2.14
C THR B 257 -20.19 26.03 2.23
N ASP B 258 -19.31 25.12 2.62
CA ASP B 258 -17.90 25.42 2.79
C ASP B 258 -17.13 24.99 1.55
N PRO B 259 -16.68 25.90 0.70
CA PRO B 259 -16.00 25.48 -0.53
C PRO B 259 -14.63 24.88 -0.30
N ASP B 260 -14.01 25.11 0.85
CA ASP B 260 -12.70 24.54 1.13
C ASP B 260 -12.78 23.14 1.74
N ALA B 261 -13.98 22.65 2.03
CA ALA B 261 -14.12 21.34 2.63
C ALA B 261 -13.73 20.23 1.65
N PRO B 262 -13.19 19.12 2.13
CA PRO B 262 -12.80 18.03 1.23
C PRO B 262 -13.95 17.20 0.70
N ILE B 263 -15.20 17.46 1.12
CA ILE B 263 -16.37 16.78 0.58
C ILE B 263 -17.31 17.83 0.02
N GLN B 264 -17.79 17.61 -1.20
CA GLN B 264 -18.60 18.56 -1.94
C GLN B 264 -19.75 17.83 -2.64
N ARG B 265 -20.60 18.59 -3.32
CA ARG B 265 -21.63 18.05 -4.22
C ARG B 265 -22.62 17.16 -3.46
N ALA B 266 -22.99 17.56 -2.25
CA ALA B 266 -23.77 16.73 -1.33
C ALA B 266 -25.26 16.86 -1.63
N GLY B 267 -25.89 15.76 -1.99
CA GLY B 267 -27.31 15.78 -2.28
C GLY B 267 -27.77 14.40 -2.73
N HIS B 268 -29.03 14.35 -3.18
CA HIS B 268 -29.68 13.11 -3.62
C HIS B 268 -29.66 12.06 -2.51
N GLY B 269 -30.41 12.37 -1.46
CA GLY B 269 -30.42 11.57 -0.26
C GLY B 269 -31.53 10.52 -0.22
N SER B 270 -31.34 9.57 0.70
CA SER B 270 -32.30 8.48 0.93
C SER B 270 -32.27 8.19 2.43
N LEU B 271 -33.45 8.13 3.05
CA LEU B 271 -33.54 7.99 4.49
C LEU B 271 -33.85 6.55 4.90
N VAL B 272 -33.39 6.18 6.09
CA VAL B 272 -33.66 4.85 6.65
C VAL B 272 -33.75 4.96 8.17
N GLU B 273 -34.60 4.13 8.76
CA GLU B 273 -34.69 3.98 10.21
C GLU B 273 -34.09 2.65 10.61
N THR B 274 -33.25 2.66 11.65
CA THR B 274 -32.61 1.44 12.11
C THR B 274 -33.55 0.65 13.03
N GLN B 275 -33.17 -0.60 13.30
CA GLN B 275 -33.93 -1.39 14.26
C GLN B 275 -33.83 -0.85 15.68
N ASN B 276 -32.91 0.06 15.95
CA ASN B 276 -32.80 0.71 17.25
C ASN B 276 -33.39 2.11 17.26
N GLY B 277 -34.14 2.49 16.23
CA GLY B 277 -34.87 3.74 16.24
C GLY B 277 -34.09 4.97 15.78
N GLU B 278 -32.83 4.82 15.39
CA GLU B 278 -32.09 5.95 14.84
C GLU B 278 -32.46 6.15 13.37
N TRP B 279 -32.42 7.41 12.94
CA TRP B 279 -32.65 7.75 11.55
C TRP B 279 -31.35 8.21 10.90
N TRP B 280 -31.10 7.73 9.69
CA TRP B 280 -29.88 8.04 8.98
C TRP B 280 -30.21 8.33 7.53
N ALA B 281 -29.32 9.08 6.89
CA ALA B 281 -29.46 9.43 5.48
C ALA B 281 -28.18 9.05 4.75
N VAL B 282 -28.32 8.33 3.65
CA VAL B 282 -27.24 8.20 2.68
C VAL B 282 -27.48 9.22 1.58
N TYR B 283 -26.40 9.72 1.00
CA TYR B 283 -26.48 10.74 -0.04
C TYR B 283 -25.21 10.65 -0.87
N LEU B 284 -25.28 11.17 -2.10
CA LEU B 284 -24.07 11.19 -2.89
C LEU B 284 -23.23 12.41 -2.53
N CYS B 285 -21.94 12.33 -2.85
CA CYS B 285 -21.03 13.46 -2.67
C CYS B 285 -19.83 13.25 -3.58
N GLY B 286 -18.95 14.24 -3.59
CA GLY B 286 -17.72 14.15 -4.34
C GLY B 286 -16.55 14.59 -3.48
N ARG B 287 -15.39 14.04 -3.79
CA ARG B 287 -14.15 14.41 -3.12
C ARG B 287 -13.25 15.12 -4.12
N PRO B 288 -13.19 16.45 -4.12
CA PRO B 288 -12.33 17.16 -5.08
C PRO B 288 -10.86 16.81 -4.85
N ASN B 289 -10.19 16.47 -5.93
CA ASN B 289 -8.81 15.95 -5.91
C ASN B 289 -7.89 17.00 -6.51
N GLN B 290 -7.29 17.83 -5.65
CA GLN B 290 -6.37 18.90 -6.06
C GLN B 290 -7.05 19.85 -7.05
N GLY B 291 -8.15 20.43 -6.59
CA GLY B 291 -9.03 21.21 -7.45
C GLY B 291 -10.37 20.53 -7.60
N SER B 292 -11.23 21.16 -8.39
CA SER B 292 -12.60 20.67 -8.57
C SER B 292 -12.61 19.51 -9.57
N TYR B 293 -12.08 18.38 -9.11
CA TYR B 293 -11.95 17.17 -9.92
C TYR B 293 -12.41 15.99 -9.08
N THR B 294 -13.59 15.46 -9.39
CA THR B 294 -14.13 14.29 -8.70
C THR B 294 -13.56 13.05 -9.38
N THR B 295 -12.32 12.72 -9.00
CA THR B 295 -11.55 11.67 -9.67
C THR B 295 -12.27 10.34 -9.63
N VAL B 296 -12.61 9.85 -8.43
CA VAL B 296 -13.15 8.50 -8.30
C VAL B 296 -14.66 8.53 -8.56
N GLY B 297 -15.19 9.67 -8.96
CA GLY B 297 -16.61 9.79 -9.19
C GLY B 297 -17.37 10.07 -7.91
N ARG B 298 -18.66 10.33 -8.07
CA ARG B 298 -19.53 10.56 -6.93
C ARG B 298 -19.62 9.31 -6.06
N GLU B 299 -19.52 9.51 -4.75
CA GLU B 299 -19.48 8.46 -3.76
C GLU B 299 -20.69 8.60 -2.83
N THR B 300 -20.88 7.61 -1.96
CA THR B 300 -22.03 7.59 -1.06
C THR B 300 -21.58 7.89 0.37
N ALA B 301 -22.14 8.95 0.95
CA ALA B 301 -21.83 9.38 2.30
C ALA B 301 -23.02 9.09 3.23
N LEU B 302 -22.77 9.24 4.53
CA LEU B 302 -23.73 8.91 5.57
C LEU B 302 -23.73 10.01 6.61
N ASP B 303 -24.91 10.37 7.11
CA ASP B 303 -25.01 11.31 8.21
C ASP B 303 -26.34 11.11 8.92
N PRO B 304 -26.42 11.40 10.22
CA PRO B 304 -27.65 11.13 10.96
C PRO B 304 -28.74 12.12 10.60
N VAL B 305 -29.99 11.67 10.75
CA VAL B 305 -31.16 12.50 10.58
C VAL B 305 -31.70 12.82 11.98
N GLU B 306 -31.94 14.09 12.24
CA GLU B 306 -32.50 14.53 13.50
C GLU B 306 -33.91 15.05 13.26
N TRP B 307 -34.88 14.48 13.98
CA TRP B 307 -36.25 14.95 13.91
C TRP B 307 -36.44 16.10 14.89
N THR B 308 -37.22 17.10 14.46
CA THR B 308 -37.38 18.32 15.23
C THR B 308 -38.72 18.32 15.96
N ASP B 309 -38.78 19.08 17.06
CA ASP B 309 -40.00 19.15 17.82
C ASP B 309 -41.10 19.94 17.12
N ASP B 310 -40.83 20.53 15.94
CA ASP B 310 -41.87 21.20 15.16
C ASP B 310 -42.24 20.41 13.90
N GLY B 311 -41.95 19.12 13.87
CA GLY B 311 -42.48 18.25 12.83
C GLY B 311 -41.64 18.11 11.58
N TRP B 312 -40.33 18.30 11.66
CA TRP B 312 -39.47 18.20 10.48
C TRP B 312 -38.28 17.31 10.80
N PHE B 313 -37.38 17.16 9.83
CA PHE B 313 -36.12 16.49 10.05
C PHE B 313 -35.02 17.21 9.27
N VAL B 314 -33.81 17.19 9.83
CA VAL B 314 -32.63 17.76 9.21
C VAL B 314 -31.52 16.71 9.22
N ILE B 315 -30.45 17.01 8.51
CA ILE B 315 -29.31 16.11 8.39
C ILE B 315 -28.11 16.77 9.03
N ASN B 316 -27.43 16.03 9.92
CA ASN B 316 -26.25 16.48 10.66
C ASN B 316 -26.43 17.88 11.24
N ASN B 317 -27.63 18.14 11.77
CA ASN B 317 -27.93 19.40 12.46
C ASN B 317 -27.64 20.62 11.61
N LEU B 318 -27.82 20.50 10.29
CA LEU B 318 -27.62 21.57 9.33
C LEU B 318 -26.16 22.02 9.23
N LYS B 319 -25.22 21.19 9.71
CA LYS B 319 -23.81 21.51 9.61
C LYS B 319 -23.19 21.16 8.27
N GLY B 320 -23.96 20.53 7.38
CA GLY B 320 -23.40 20.02 6.14
C GLY B 320 -22.82 18.63 6.35
N PRO B 321 -22.16 18.10 5.33
CA PRO B 321 -21.58 16.76 5.43
C PRO B 321 -20.51 16.70 6.52
N SER B 322 -20.51 15.59 7.26
CA SER B 322 -19.49 15.39 8.27
C SER B 322 -18.24 14.78 7.66
N LEU B 323 -17.09 15.14 8.22
CA LEU B 323 -15.83 14.48 7.89
C LEU B 323 -15.52 13.33 8.83
N VAL B 324 -15.95 13.46 10.09
CA VAL B 324 -15.88 12.39 11.07
C VAL B 324 -17.14 12.48 11.90
N GLN B 325 -17.73 11.32 12.21
CA GLN B 325 -19.07 11.30 12.75
C GLN B 325 -19.20 10.14 13.70
N ARG B 326 -20.06 10.30 14.70
CA ARG B 326 -20.42 9.19 15.57
C ARG B 326 -21.07 8.09 14.74
N ALA B 327 -20.62 6.85 14.95
CA ALA B 327 -21.15 5.74 14.18
C ALA B 327 -22.59 5.43 14.59
N PRO B 328 -23.39 4.89 13.68
CA PRO B 328 -24.73 4.42 14.05
C PRO B 328 -24.66 3.37 15.15
N ASN B 329 -25.69 3.39 16.02
CA ASN B 329 -25.80 2.43 17.11
C ASN B 329 -26.19 1.08 16.52
N LEU B 330 -25.21 0.40 15.93
CA LEU B 330 -25.38 -0.90 15.32
C LEU B 330 -24.10 -1.69 15.54
N PRO B 331 -24.19 -3.02 15.65
CA PRO B 331 -22.96 -3.82 15.81
C PRO B 331 -22.09 -3.70 14.57
N GLN B 332 -20.79 -3.46 14.81
N GLN B 332 -20.79 -3.45 14.80
CA GLN B 332 -19.86 -3.28 13.71
CA GLN B 332 -19.86 -3.28 13.70
C GLN B 332 -19.58 -4.61 13.01
C GLN B 332 -19.61 -4.62 13.01
N VAL B 333 -19.70 -4.62 11.68
CA VAL B 333 -19.45 -5.81 10.88
C VAL B 333 -18.65 -5.38 9.65
N LYS B 334 -17.37 -5.71 9.62
CA LYS B 334 -16.54 -5.43 8.45
C LYS B 334 -16.62 -6.58 7.47
N TRP B 335 -16.28 -6.29 6.21
CA TRP B 335 -16.35 -7.28 5.14
C TRP B 335 -14.98 -7.47 4.51
N ASP B 336 -14.84 -8.58 3.80
CA ASP B 336 -13.67 -8.80 2.96
C ASP B 336 -13.71 -7.86 1.75
N GLU B 337 -12.65 -7.09 1.56
CA GLU B 337 -12.61 -6.10 0.50
C GLU B 337 -12.16 -6.67 -0.83
N LYS B 338 -11.59 -7.87 -0.84
CA LYS B 338 -11.18 -8.56 -2.06
C LYS B 338 -10.28 -7.69 -2.92
N ASN B 339 -9.35 -7.00 -2.25
CA ASN B 339 -8.40 -6.14 -2.96
C ASN B 339 -7.42 -6.94 -3.79
N PHE B 340 -7.16 -8.19 -3.40
CA PHE B 340 -6.34 -9.11 -4.17
C PHE B 340 -7.23 -10.17 -4.79
N ASP B 341 -7.27 -10.22 -6.12
CA ASP B 341 -8.05 -11.22 -6.85
C ASP B 341 -7.08 -12.11 -7.59
N ASP B 342 -6.97 -13.37 -7.15
CA ASP B 342 -6.14 -14.36 -7.83
C ASP B 342 -6.89 -15.09 -8.92
N PHE B 343 -8.17 -14.75 -9.15
CA PHE B 343 -8.95 -15.29 -10.27
C PHE B 343 -9.04 -16.82 -10.23
N ASP B 344 -9.18 -17.41 -9.05
CA ASP B 344 -9.31 -18.86 -8.96
C ASP B 344 -10.72 -19.31 -8.59
N GLU B 345 -11.72 -18.50 -8.88
CA GLU B 345 -13.11 -18.92 -8.83
C GLU B 345 -13.69 -18.83 -10.24
N ASP B 346 -14.60 -19.74 -10.57
CA ASP B 346 -15.10 -19.75 -11.93
C ASP B 346 -16.15 -18.68 -12.19
N THR B 347 -16.47 -17.84 -11.20
CA THR B 347 -17.35 -16.71 -11.39
C THR B 347 -16.60 -15.43 -11.06
N LEU B 348 -16.91 -14.36 -11.82
CA LEU B 348 -16.22 -13.08 -11.65
C LEU B 348 -16.60 -12.43 -10.33
N GLY B 349 -15.60 -11.90 -9.63
CA GLY B 349 -15.88 -11.21 -8.39
C GLY B 349 -16.83 -10.05 -8.59
N LEU B 350 -17.66 -9.80 -7.57
CA LEU B 350 -18.72 -8.81 -7.70
C LEU B 350 -18.22 -7.38 -7.71
N ASP B 351 -16.96 -7.12 -7.36
CA ASP B 351 -16.43 -5.77 -7.43
C ASP B 351 -16.05 -5.35 -8.84
N TRP B 352 -16.05 -6.28 -9.80
CA TRP B 352 -15.69 -5.97 -11.18
C TRP B 352 -16.90 -5.46 -11.96
N GLN B 353 -16.64 -4.59 -12.92
CA GLN B 353 -17.64 -4.14 -13.89
C GLN B 353 -17.05 -4.24 -15.29
N PHE B 354 -17.92 -4.54 -16.25
CA PHE B 354 -17.58 -4.43 -17.65
C PHE B 354 -17.95 -3.03 -18.15
N VAL B 355 -17.11 -2.46 -19.00
CA VAL B 355 -17.53 -1.29 -19.75
C VAL B 355 -18.49 -1.76 -20.82
N ARG B 356 -19.78 -1.45 -20.65
CA ARG B 356 -20.85 -1.93 -21.51
C ARG B 356 -20.93 -3.46 -21.49
N ASN B 357 -21.80 -4.02 -22.32
CA ASN B 357 -22.10 -5.44 -22.23
C ASN B 357 -20.87 -6.29 -22.55
N PRO B 358 -20.60 -7.32 -21.76
CA PRO B 358 -19.48 -8.21 -22.08
C PRO B 358 -19.75 -9.01 -23.34
N ASP B 359 -18.66 -9.35 -24.03
CA ASP B 359 -18.67 -10.34 -25.11
C ASP B 359 -18.25 -11.66 -24.48
N HIS B 360 -19.24 -12.50 -24.13
CA HIS B 360 -18.98 -13.69 -23.34
C HIS B 360 -18.13 -14.72 -24.08
N SER B 361 -18.03 -14.61 -25.41
CA SER B 361 -17.17 -15.50 -26.17
C SER B 361 -15.70 -15.17 -26.01
N SER B 362 -15.35 -14.00 -25.47
CA SER B 362 -13.98 -13.51 -25.51
C SER B 362 -13.41 -13.17 -24.13
N TRP B 363 -13.98 -13.74 -23.07
CA TRP B 363 -13.37 -13.69 -21.75
C TRP B 363 -13.72 -14.98 -21.02
N SER B 364 -12.84 -15.40 -20.11
CA SER B 364 -13.10 -16.66 -19.43
C SER B 364 -12.31 -16.78 -18.13
N LEU B 365 -12.94 -17.36 -17.12
CA LEU B 365 -12.29 -17.80 -15.90
C LEU B 365 -12.11 -19.31 -15.85
N ILE B 366 -12.59 -20.04 -16.85
CA ILE B 366 -12.57 -21.50 -16.83
C ILE B 366 -11.69 -22.11 -17.89
N GLU B 367 -11.38 -21.41 -18.98
CA GLU B 367 -10.48 -21.97 -19.99
C GLU B 367 -9.10 -22.24 -19.40
N ARG B 368 -8.65 -21.38 -18.49
CA ARG B 368 -7.37 -21.58 -17.79
C ARG B 368 -7.60 -21.22 -16.34
N PRO B 369 -8.04 -22.19 -15.53
CA PRO B 369 -8.32 -21.91 -14.11
C PRO B 369 -7.13 -21.23 -13.43
N GLY B 370 -7.43 -20.25 -12.59
CA GLY B 370 -6.42 -19.43 -11.96
C GLY B 370 -6.12 -18.15 -12.71
N TYR B 371 -6.70 -17.94 -13.88
CA TYR B 371 -6.44 -16.77 -14.69
C TYR B 371 -7.74 -16.20 -15.21
N LEU B 372 -7.82 -14.88 -15.25
CA LEU B 372 -8.85 -14.20 -16.02
C LEU B 372 -8.30 -14.01 -17.43
N ARG B 373 -8.86 -14.73 -18.39
CA ARG B 373 -8.41 -14.66 -19.78
C ARG B 373 -9.26 -13.65 -20.54
N LEU B 374 -8.59 -12.74 -21.23
CA LEU B 374 -9.23 -11.85 -22.20
C LEU B 374 -8.70 -12.20 -23.57
N TRP B 375 -9.57 -12.68 -24.46
CA TRP B 375 -9.20 -12.79 -25.86
C TRP B 375 -9.26 -11.40 -26.48
N THR B 376 -8.23 -11.05 -27.24
CA THR B 376 -8.08 -9.70 -27.78
C THR B 376 -9.27 -9.34 -28.67
N GLY B 377 -9.99 -8.28 -28.29
CA GLY B 377 -11.05 -7.76 -29.12
C GLY B 377 -10.53 -6.88 -30.25
N ASP B 378 -11.44 -6.46 -31.12
CA ASP B 378 -11.06 -5.76 -32.33
C ASP B 378 -10.90 -4.25 -32.16
N TRP B 379 -11.31 -3.67 -31.03
CA TRP B 379 -11.37 -2.23 -30.91
C TRP B 379 -10.54 -1.74 -29.72
N ASP B 380 -9.95 -0.56 -29.89
CA ASP B 380 -9.22 0.10 -28.82
C ASP B 380 -10.20 0.85 -27.92
N LEU B 381 -9.69 1.28 -26.76
CA LEU B 381 -10.56 1.78 -25.68
C LEU B 381 -11.33 3.04 -26.09
N HIS B 382 -10.80 3.82 -27.02
CA HIS B 382 -11.51 5.03 -27.44
C HIS B 382 -12.75 4.73 -28.26
N ASP B 383 -12.93 3.50 -28.71
CA ASP B 383 -14.06 3.13 -29.53
C ASP B 383 -15.18 2.60 -28.64
N ILE B 384 -16.40 3.09 -28.85
CA ILE B 384 -17.54 2.65 -28.05
C ILE B 384 -17.76 1.14 -28.21
N ARG B 385 -17.34 0.58 -29.35
CA ARG B 385 -17.47 -0.84 -29.62
C ARG B 385 -16.49 -1.71 -28.85
N ALA B 386 -15.57 -1.14 -28.08
CA ALA B 386 -14.59 -1.95 -27.37
C ALA B 386 -15.28 -2.83 -26.32
N LYS B 387 -14.93 -4.11 -26.32
CA LYS B 387 -15.54 -5.10 -25.45
C LYS B 387 -14.57 -5.54 -24.36
N ASN B 388 -15.14 -5.96 -23.24
CA ASN B 388 -14.42 -6.74 -22.22
C ASN B 388 -13.26 -5.95 -21.61
N THR B 389 -13.47 -4.65 -21.40
CA THR B 389 -12.67 -3.92 -20.44
C THR B 389 -13.25 -4.18 -19.05
N VAL B 390 -12.44 -4.77 -18.17
CA VAL B 390 -12.90 -5.24 -16.87
C VAL B 390 -12.23 -4.39 -15.80
N VAL B 391 -13.03 -3.62 -15.06
CA VAL B 391 -12.51 -2.62 -14.15
C VAL B 391 -13.26 -2.62 -12.83
N ARG B 392 -12.57 -2.16 -11.80
CA ARG B 392 -13.16 -1.96 -10.48
CA ARG B 392 -13.13 -1.96 -10.47
C ARG B 392 -13.01 -0.50 -10.09
N ARG B 393 -13.68 -0.13 -8.99
CA ARG B 393 -13.72 1.27 -8.56
C ARG B 393 -12.44 1.68 -7.85
N GLU B 394 -11.96 2.87 -8.16
CA GLU B 394 -10.94 3.53 -7.35
C GLU B 394 -11.59 4.05 -6.08
N LYS B 395 -11.04 3.70 -4.93
CA LYS B 395 -11.60 4.09 -3.65
C LYS B 395 -10.70 5.04 -2.88
N HIS B 396 -9.54 5.39 -3.43
CA HIS B 396 -8.58 6.24 -2.76
C HIS B 396 -7.91 7.13 -3.79
N HIS B 397 -7.34 8.24 -3.32
CA HIS B 397 -6.49 9.07 -4.15
C HIS B 397 -5.02 8.69 -4.04
N LEU B 398 -4.69 7.74 -3.15
CA LEU B 398 -3.36 7.17 -3.03
C LEU B 398 -3.53 5.65 -3.10
N TYR B 399 -3.18 5.05 -4.22
CA TYR B 399 -3.31 3.61 -4.35
C TYR B 399 -2.38 3.12 -5.45
N SER B 400 -2.09 1.82 -5.41
CA SER B 400 -1.43 1.13 -6.50
C SER B 400 -2.30 -0.05 -6.94
N ALA B 401 -2.22 -0.38 -8.22
CA ALA B 401 -2.90 -1.53 -8.80
C ALA B 401 -1.92 -2.27 -9.71
N GLY B 402 -1.84 -3.58 -9.55
CA GLY B 402 -0.89 -4.37 -10.30
C GLY B 402 -1.48 -5.69 -10.77
N VAL B 403 -0.93 -6.19 -11.88
CA VAL B 403 -1.32 -7.49 -12.43
C VAL B 403 -0.07 -8.29 -12.75
N LYS B 404 -0.25 -9.60 -12.88
CA LYS B 404 0.71 -10.50 -13.50
C LYS B 404 0.08 -11.00 -14.79
N LEU B 405 0.76 -10.78 -15.91
CA LEU B 405 0.18 -10.98 -17.23
C LEU B 405 1.00 -11.97 -18.04
N ASP B 406 0.32 -12.91 -18.68
CA ASP B 406 0.91 -13.86 -19.61
C ASP B 406 0.29 -13.62 -20.98
N PHE B 407 1.05 -13.03 -21.90
CA PHE B 407 0.50 -12.54 -23.17
C PHE B 407 1.60 -12.54 -24.21
N SER B 408 1.28 -13.00 -25.43
CA SER B 408 2.26 -13.15 -26.51
C SER B 408 1.77 -12.47 -27.77
N PRO B 409 1.81 -11.14 -27.83
CA PRO B 409 1.42 -10.44 -29.07
C PRO B 409 2.47 -10.62 -30.15
N SER B 410 2.01 -10.79 -31.39
CA SER B 410 2.91 -11.07 -32.49
C SER B 410 2.67 -10.19 -33.71
N ALA B 411 1.78 -9.22 -33.64
CA ALA B 411 1.49 -8.38 -34.78
C ALA B 411 1.14 -6.97 -34.30
N SER B 412 1.20 -6.03 -35.24
CA SER B 412 1.08 -4.61 -34.94
C SER B 412 -0.21 -4.30 -34.17
N GLY B 413 -0.05 -3.75 -32.97
CA GLY B 413 -1.17 -3.26 -32.20
C GLY B 413 -1.74 -4.23 -31.20
N GLU B 414 -1.44 -5.52 -31.31
CA GLU B 414 -1.92 -6.49 -30.32
C GLU B 414 -1.34 -6.14 -28.95
N GLN B 415 -2.22 -6.01 -27.96
CA GLN B 415 -1.85 -5.39 -26.70
C GLN B 415 -2.73 -5.86 -25.56
N ALA B 416 -2.18 -5.82 -24.35
CA ALA B 416 -2.93 -6.13 -23.15
C ALA B 416 -2.22 -5.53 -21.95
N GLY B 417 -3.00 -5.09 -20.98
CA GLY B 417 -2.41 -4.51 -19.78
C GLY B 417 -3.47 -3.94 -18.87
N ILE B 418 -3.09 -2.87 -18.16
CA ILE B 418 -3.95 -2.24 -17.18
C ILE B 418 -4.38 -0.88 -17.72
N VAL B 419 -5.46 -0.36 -17.14
CA VAL B 419 -6.02 0.92 -17.58
C VAL B 419 -6.70 1.60 -16.41
N CYS B 420 -6.47 2.89 -16.29
CA CYS B 420 -7.28 3.79 -15.47
C CYS B 420 -8.27 4.46 -16.41
N TYR B 421 -9.55 4.10 -16.30
CA TYR B 421 -10.54 4.38 -17.32
C TYR B 421 -11.62 5.29 -16.74
N TYR B 422 -11.85 6.43 -17.40
CA TYR B 422 -13.02 7.24 -17.12
C TYR B 422 -14.09 7.15 -18.21
N SER B 423 -13.72 7.36 -19.48
CA SER B 423 -14.68 7.24 -20.57
C SER B 423 -13.93 6.89 -21.85
N THR B 424 -14.67 6.84 -22.96
CA THR B 424 -14.02 6.59 -24.25
C THR B 424 -13.09 7.72 -24.65
N ASN B 425 -13.26 8.92 -24.10
CA ASN B 425 -12.39 10.04 -24.40
C ASN B 425 -11.36 10.30 -23.33
N ASN B 426 -11.38 9.56 -22.22
CA ASN B 426 -10.52 9.85 -21.07
C ASN B 426 -10.11 8.53 -20.44
N TYR B 427 -8.88 8.11 -20.71
CA TYR B 427 -8.33 6.95 -20.04
C TYR B 427 -6.82 7.04 -20.09
N LEU B 428 -6.19 6.14 -19.36
CA LEU B 428 -4.73 6.08 -19.24
C LEU B 428 -4.38 4.61 -19.15
N LYS B 429 -3.66 4.09 -20.14
CA LYS B 429 -3.40 2.67 -20.23
C LYS B 429 -1.92 2.40 -20.30
N CYS B 430 -1.54 1.24 -19.79
CA CYS B 430 -0.17 0.72 -19.87
C CYS B 430 -0.28 -0.73 -20.29
N CYS B 431 0.40 -1.10 -21.36
CA CYS B 431 0.16 -2.41 -21.95
C CYS B 431 1.44 -2.98 -22.51
N LEU B 432 1.51 -4.32 -22.53
CA LEU B 432 2.45 -5.04 -23.36
C LEU B 432 1.89 -5.09 -24.78
N ILE B 433 2.66 -4.59 -25.74
CA ILE B 433 2.18 -4.41 -27.10
C ILE B 433 3.25 -4.87 -28.06
N TYR B 434 2.84 -5.35 -29.23
CA TYR B 434 3.77 -5.63 -30.32
C TYR B 434 3.76 -4.43 -31.25
N GLU B 435 4.90 -3.73 -31.32
CA GLU B 435 5.11 -2.55 -32.14
C GLU B 435 6.57 -2.62 -32.58
N GLU B 436 6.81 -3.37 -33.66
CA GLU B 436 8.16 -3.70 -34.11
C GLU B 436 8.95 -4.36 -32.98
N GLY B 437 8.39 -5.41 -32.43
CA GLY B 437 8.91 -6.06 -31.25
C GLY B 437 8.08 -5.75 -30.01
N LEU B 438 8.37 -6.49 -28.95
CA LEU B 438 7.64 -6.33 -27.71
C LEU B 438 7.98 -4.99 -27.05
N LYS B 439 6.96 -4.28 -26.58
CA LYS B 439 7.15 -3.00 -25.93
C LYS B 439 6.21 -2.89 -24.74
N ILE B 440 6.63 -2.14 -23.72
CA ILE B 440 5.74 -1.63 -22.68
C ILE B 440 5.39 -0.20 -23.06
N LYS B 441 4.10 0.07 -23.25
CA LYS B 441 3.65 1.33 -23.80
C LYS B 441 2.65 1.99 -22.86
N VAL B 442 2.81 3.29 -22.65
CA VAL B 442 1.87 4.07 -21.86
C VAL B 442 1.23 5.10 -22.77
N VAL B 443 -0.11 5.11 -22.79
CA VAL B 443 -0.87 6.00 -23.66
C VAL B 443 -1.97 6.66 -22.85
N GLU B 444 -2.14 7.96 -23.05
CA GLU B 444 -3.27 8.69 -22.50
C GLU B 444 -4.22 9.06 -23.64
N ASN B 445 -5.50 9.07 -23.33
CA ASN B 445 -6.51 9.76 -24.11
C ASN B 445 -7.03 10.88 -23.22
N ARG B 446 -6.61 12.10 -23.53
CA ARG B 446 -6.88 13.28 -22.70
C ARG B 446 -7.98 14.08 -23.41
N SER B 447 -9.22 13.87 -22.99
CA SER B 447 -10.38 14.54 -23.58
C SER B 447 -10.37 14.44 -25.10
N GLY B 448 -10.12 13.23 -25.60
CA GLY B 448 -10.11 12.96 -27.02
C GLY B 448 -8.76 13.08 -27.69
N CYS B 449 -7.73 13.56 -26.98
CA CYS B 449 -6.40 13.72 -27.57
C CYS B 449 -5.52 12.58 -27.08
N GLN B 450 -5.10 11.72 -28.01
CA GLN B 450 -4.25 10.58 -27.67
C GLN B 450 -2.79 10.98 -27.71
N LYS B 451 -2.03 10.52 -26.71
CA LYS B 451 -0.60 10.81 -26.65
C LYS B 451 0.11 9.63 -26.02
N THR B 452 1.21 9.21 -26.64
CA THR B 452 2.07 8.19 -26.06
C THR B 452 2.96 8.85 -25.01
N LEU B 453 2.83 8.43 -23.76
CA LEU B 453 3.63 9.00 -22.68
C LEU B 453 4.93 8.27 -22.47
N GLY B 454 5.00 6.99 -22.84
CA GLY B 454 6.21 6.22 -22.67
C GLY B 454 6.19 4.94 -23.47
N LYS B 455 7.37 4.50 -23.92
CA LYS B 455 7.47 3.24 -24.63
C LYS B 455 8.85 2.65 -24.36
N LYS B 456 8.88 1.46 -23.77
CA LYS B 456 10.12 0.81 -23.39
C LYS B 456 10.21 -0.56 -24.04
N HIS B 457 11.44 -0.98 -24.33
CA HIS B 457 11.67 -2.33 -24.80
C HIS B 457 11.18 -3.33 -23.75
N ALA B 458 10.50 -4.38 -24.22
CA ALA B 458 10.01 -5.43 -23.35
C ALA B 458 10.64 -6.77 -23.72
N GLU B 459 10.92 -7.58 -22.72
CA GLU B 459 11.35 -8.96 -22.91
C GLU B 459 10.13 -9.87 -22.98
N ALA B 460 10.34 -11.07 -23.52
CA ALA B 460 9.25 -12.03 -23.60
C ALA B 460 9.04 -12.70 -22.24
N GLY B 461 7.88 -13.34 -22.10
CA GLY B 461 7.58 -14.12 -20.92
C GLY B 461 6.61 -13.41 -19.98
N PRO B 462 6.30 -14.05 -18.86
CA PRO B 462 5.39 -13.44 -17.88
C PRO B 462 5.89 -12.07 -17.45
N LEU B 463 4.95 -11.18 -17.19
CA LEU B 463 5.24 -9.77 -16.97
C LEU B 463 4.34 -9.25 -15.85
N PHE B 464 4.87 -8.31 -15.08
CA PHE B 464 4.13 -7.61 -14.04
C PHE B 464 4.01 -6.14 -14.43
N LEU B 465 2.81 -5.60 -14.28
CA LEU B 465 2.56 -4.18 -14.51
C LEU B 465 1.96 -3.57 -13.25
N LYS B 466 2.31 -2.32 -12.96
CA LYS B 466 1.86 -1.65 -11.74
C LYS B 466 1.53 -0.20 -12.06
N ALA B 467 0.32 0.21 -11.69
CA ALA B 467 -0.09 1.61 -11.72
C ALA B 467 0.05 2.19 -10.33
N VAL B 468 0.70 3.35 -10.22
CA VAL B 468 0.86 4.05 -8.95
C VAL B 468 0.18 5.41 -9.07
N ILE B 469 -0.83 5.63 -8.23
CA ILE B 469 -1.61 6.86 -8.24
C ILE B 469 -1.30 7.63 -6.96
N ASN B 470 -0.88 8.89 -7.11
CA ASN B 470 -0.68 9.81 -6.00
C ASN B 470 -1.35 11.12 -6.37
N LYS B 471 -2.61 11.28 -5.94
CA LYS B 471 -3.43 12.45 -6.24
C LYS B 471 -3.57 12.53 -7.74
N GLN B 472 -3.16 13.61 -8.40
CA GLN B 472 -3.28 13.75 -9.84
C GLN B 472 -2.04 13.32 -10.61
N LYS B 473 -1.05 12.76 -9.92
CA LYS B 473 0.13 12.18 -10.54
C LYS B 473 -0.06 10.67 -10.65
N ARG B 474 0.13 10.13 -11.86
CA ARG B 474 -0.03 8.70 -12.12
C ARG B 474 1.16 8.21 -12.93
N ASP B 475 1.69 7.05 -12.55
CA ASP B 475 2.85 6.46 -13.21
C ASP B 475 2.66 4.96 -13.32
N PHE B 476 3.31 4.37 -14.32
CA PHE B 476 3.25 2.94 -14.55
C PHE B 476 4.65 2.35 -14.53
N TYR B 477 4.74 1.15 -13.98
CA TYR B 477 6.01 0.44 -13.84
C TYR B 477 5.82 -0.99 -14.30
N TYR B 478 6.90 -1.57 -14.83
CA TYR B 478 6.90 -2.97 -15.23
C TYR B 478 8.02 -3.70 -14.52
N SER B 479 7.90 -5.02 -14.49
CA SER B 479 8.83 -5.88 -13.77
C SER B 479 8.74 -7.27 -14.36
N TYR B 480 9.85 -8.01 -14.30
CA TYR B 480 9.86 -9.38 -14.80
C TYR B 480 9.80 -10.42 -13.68
N GLU B 481 9.95 -10.00 -12.43
CA GLU B 481 9.85 -10.95 -11.33
C GLU B 481 9.10 -10.38 -10.13
N GLY B 482 8.52 -9.19 -10.25
CA GLY B 482 7.72 -8.62 -9.18
C GLY B 482 8.50 -8.00 -8.06
N LYS B 483 9.83 -7.86 -8.20
CA LYS B 483 10.69 -7.30 -7.17
C LYS B 483 11.35 -6.00 -7.60
N HIS B 484 11.83 -5.91 -8.84
CA HIS B 484 12.52 -4.74 -9.36
C HIS B 484 11.63 -4.06 -10.39
N TRP B 485 11.28 -2.81 -10.12
CA TRP B 485 10.26 -2.09 -10.89
C TRP B 485 10.92 -0.99 -11.71
N HIS B 486 10.55 -0.89 -12.98
CA HIS B 486 11.11 0.09 -13.88
C HIS B 486 9.99 0.96 -14.45
N HIS B 487 10.24 2.26 -14.51
CA HIS B 487 9.23 3.22 -14.93
C HIS B 487 8.94 3.07 -16.43
N ALA B 488 7.66 2.92 -16.77
CA ALA B 488 7.27 2.86 -18.17
C ALA B 488 6.82 4.22 -18.69
N GLY B 489 6.15 4.99 -17.85
CA GLY B 489 5.65 6.29 -18.22
C GLY B 489 4.61 6.75 -17.23
N GLY B 490 4.25 8.03 -17.35
CA GLY B 490 3.24 8.58 -16.46
C GLY B 490 2.92 10.01 -16.82
N THR B 491 1.97 10.57 -16.06
CA THR B 491 1.58 11.96 -16.20
C THR B 491 1.55 12.63 -14.84
N GLU B 492 1.87 13.92 -14.82
CA GLU B 492 1.76 14.74 -13.63
C GLU B 492 0.40 15.42 -13.51
N ASP B 493 -0.50 15.19 -14.46
CA ASP B 493 -1.81 15.86 -14.48
C ASP B 493 -2.85 14.86 -15.00
N ALA B 494 -3.41 14.08 -14.09
CA ALA B 494 -4.48 13.14 -14.40
C ALA B 494 -5.86 13.74 -14.16
N SER B 495 -5.99 15.06 -14.14
CA SER B 495 -7.27 15.67 -13.82
C SER B 495 -8.33 15.40 -14.90
N PHE B 496 -7.93 14.96 -16.09
CA PHE B 496 -8.91 14.59 -17.10
C PHE B 496 -9.69 13.34 -16.73
N LEU B 497 -9.20 12.56 -15.76
CA LEU B 497 -9.91 11.39 -15.25
C LEU B 497 -10.79 11.83 -14.08
N SER B 498 -11.91 12.47 -14.42
CA SER B 498 -12.82 13.02 -13.42
C SER B 498 -14.07 13.51 -14.15
N ASP B 499 -15.16 13.68 -13.37
CA ASP B 499 -16.39 14.23 -13.94
C ASP B 499 -16.12 15.56 -14.63
N GLU B 500 -15.47 16.48 -13.90
CA GLU B 500 -15.28 17.84 -14.37
C GLU B 500 -14.16 17.95 -15.40
N GLY B 501 -13.06 17.22 -15.19
CA GLY B 501 -11.94 17.29 -16.10
C GLY B 501 -12.12 16.53 -17.40
N SER B 502 -13.07 15.58 -17.42
CA SER B 502 -13.29 14.77 -18.61
C SER B 502 -13.62 15.63 -19.82
N ARG B 503 -14.35 16.73 -19.59
CA ARG B 503 -14.89 17.58 -20.64
C ARG B 503 -15.88 16.82 -21.54
N ASP B 504 -16.34 15.66 -21.09
CA ASP B 504 -17.39 14.95 -21.80
C ASP B 504 -18.70 15.71 -21.66
N ALA B 505 -19.61 15.45 -22.61
CA ALA B 505 -20.92 16.10 -22.57
C ALA B 505 -21.65 15.81 -21.26
N LYS B 506 -21.54 14.58 -20.78
CA LYS B 506 -22.03 14.19 -19.47
C LYS B 506 -20.92 13.44 -18.75
N GLY B 507 -20.62 13.85 -17.52
CA GLY B 507 -19.62 13.18 -16.71
C GLY B 507 -20.23 12.69 -15.41
N HIS B 508 -20.83 11.50 -15.43
CA HIS B 508 -21.61 11.00 -14.31
C HIS B 508 -21.00 9.78 -13.64
N THR B 509 -19.87 9.28 -14.12
CA THR B 509 -19.36 8.02 -13.59
C THR B 509 -18.20 8.26 -12.64
N GLY B 510 -17.03 7.72 -12.96
CA GLY B 510 -15.89 7.82 -12.07
C GLY B 510 -14.74 7.01 -12.61
N THR B 511 -13.52 7.35 -12.20
CA THR B 511 -12.37 6.63 -12.73
C THR B 511 -12.33 5.22 -12.16
N MET B 512 -12.22 4.25 -13.04
CA MET B 512 -12.11 2.84 -12.69
C MET B 512 -10.73 2.36 -13.11
N VAL B 513 -10.31 1.22 -12.54
CA VAL B 513 -9.00 0.66 -12.79
C VAL B 513 -9.15 -0.83 -13.04
N GLY B 514 -8.46 -1.34 -14.05
CA GLY B 514 -8.59 -2.74 -14.39
C GLY B 514 -7.77 -3.15 -15.58
N ILE B 515 -8.32 -4.04 -16.40
CA ILE B 515 -7.55 -4.72 -17.43
C ILE B 515 -8.30 -4.67 -18.76
N PHE B 516 -7.55 -4.96 -19.83
CA PHE B 516 -8.08 -4.90 -21.19
C PHE B 516 -7.11 -5.62 -22.11
N ALA B 517 -7.64 -5.99 -23.27
CA ALA B 517 -6.83 -6.55 -24.35
C ALA B 517 -7.55 -6.30 -25.66
N ASN B 518 -6.79 -5.90 -26.68
CA ASN B 518 -7.34 -5.78 -28.02
C ASN B 518 -6.24 -6.12 -29.02
N ASN B 519 -6.63 -6.31 -30.28
CA ASN B 519 -5.71 -6.84 -31.29
C ASN B 519 -5.21 -5.76 -32.24
N GLY B 520 -5.38 -4.48 -31.87
CA GLY B 520 -4.94 -3.36 -32.67
C GLY B 520 -5.48 -3.38 -34.09
N GLY B 521 -6.60 -4.08 -34.28
CA GLY B 521 -7.18 -4.21 -35.60
C GLY B 521 -6.60 -5.31 -36.46
N SER B 522 -5.72 -6.15 -35.91
CA SER B 522 -5.20 -7.27 -36.69
C SER B 522 -6.26 -8.31 -37.00
N GLY B 523 -7.32 -8.38 -36.18
CA GLY B 523 -8.33 -9.39 -36.30
C GLY B 523 -8.07 -10.64 -35.49
N ARG B 524 -6.84 -10.89 -35.07
CA ARG B 524 -6.51 -12.12 -34.38
C ARG B 524 -7.15 -12.16 -32.99
N LYS B 525 -7.49 -13.37 -32.56
CA LYS B 525 -7.97 -13.64 -31.21
C LYS B 525 -6.82 -14.25 -30.42
N ALA B 526 -6.15 -13.42 -29.62
CA ALA B 526 -5.02 -13.84 -28.81
C ALA B 526 -5.39 -13.81 -27.33
N ALA B 527 -4.91 -14.81 -26.59
CA ALA B 527 -5.27 -14.97 -25.18
C ALA B 527 -4.35 -14.14 -24.31
N ALA B 528 -4.92 -13.16 -23.60
CA ALA B 528 -4.21 -12.42 -22.56
C ALA B 528 -4.66 -12.98 -21.22
N ASP B 529 -3.73 -13.63 -20.51
CA ASP B 529 -4.03 -14.37 -19.30
C ASP B 529 -3.51 -13.62 -18.09
N PHE B 530 -4.42 -13.12 -17.26
CA PHE B 530 -4.07 -12.36 -16.08
C PHE B 530 -4.10 -13.30 -14.87
N ASP B 531 -2.92 -13.53 -14.28
CA ASP B 531 -2.85 -14.40 -13.11
C ASP B 531 -3.58 -13.79 -11.93
N TRP B 532 -3.40 -12.49 -11.70
CA TRP B 532 -4.05 -11.86 -10.57
C TRP B 532 -4.07 -10.36 -10.77
N PHE B 533 -4.91 -9.70 -9.97
CA PHE B 533 -5.01 -8.25 -9.90
C PHE B 533 -4.96 -7.87 -8.43
N ARG B 534 -4.21 -6.82 -8.12
CA ARG B 534 -3.96 -6.46 -6.73
C ARG B 534 -4.07 -4.94 -6.56
N TYR B 535 -4.96 -4.52 -5.67
CA TYR B 535 -5.21 -3.12 -5.35
C TYR B 535 -4.71 -2.85 -3.95
N ILE B 536 -3.89 -1.81 -3.78
CA ILE B 536 -3.26 -1.49 -2.50
C ILE B 536 -3.47 -0.02 -2.20
N ALA B 537 -4.27 0.27 -1.18
CA ALA B 537 -4.38 1.64 -0.69
C ALA B 537 -3.19 1.93 0.22
N TYR B 538 -2.56 3.09 0.03
CA TYR B 538 -1.41 3.42 0.87
C TYR B 538 -1.54 4.81 1.50
CA CA C . -2.54 2.14 19.63
S SO4 D . 38.83 0.67 9.31
O1 SO4 D . 38.34 -0.30 8.35
O2 SO4 D . 38.62 0.14 10.66
O3 SO4 D . 40.25 0.90 9.09
O4 SO4 D . 38.13 1.94 9.16
S SO4 E . 13.29 3.42 -12.57
O1 SO4 E . 14.12 2.50 -11.80
O2 SO4 E . 11.97 3.53 -11.95
O3 SO4 E . 13.91 4.75 -12.57
O4 SO4 E . 13.18 2.92 -13.93
S SO4 F . -6.67 6.50 25.65
O1 SO4 F . -6.71 5.25 24.90
O2 SO4 F . -7.69 6.49 26.69
O3 SO4 F . -5.36 6.65 26.27
O4 SO4 F . -6.91 7.61 24.73
S SO4 G . 50.61 1.19 21.32
O1 SO4 G . 51.75 0.30 21.22
O2 SO4 G . 49.39 0.41 21.49
O3 SO4 G . 50.77 2.07 22.47
O4 SO4 G . 50.52 1.99 20.10
S SO4 H . 15.02 -23.42 26.28
O1 SO4 H . 15.94 -24.54 26.36
O2 SO4 H . 13.69 -23.89 25.91
O3 SO4 H . 14.94 -22.79 27.60
O4 SO4 H . 15.49 -22.45 25.30
C1 GOL I . 34.25 1.02 1.99
O1 GOL I . 33.87 0.80 3.32
C2 GOL I . 34.48 -0.31 1.30
O2 GOL I . 35.47 -1.04 1.98
C3 GOL I . 34.97 -0.05 -0.12
O3 GOL I . 33.90 0.25 -0.99
N1 IMD J . 43.32 -22.22 21.14
C2 IMD J . 43.50 -22.71 19.90
N3 IMD J . 44.76 -23.22 19.81
C4 IMD J . 45.37 -23.05 21.00
C5 IMD J . 44.45 -22.42 21.84
CA CA K . -4.25 -16.71 -10.36
S SO4 L . -3.06 18.29 -1.67
O1 SO4 L . -2.18 17.13 -1.56
O2 SO4 L . -4.45 17.83 -1.68
O3 SO4 L . -2.86 19.20 -0.55
O4 SO4 L . -2.77 18.98 -2.92
S SO4 M . -31.13 15.30 -19.66
O1 SO4 M . -30.26 14.35 -20.36
O2 SO4 M . -32.12 14.54 -18.88
O3 SO4 M . -30.32 16.12 -18.77
O4 SO4 M . -31.80 16.16 -20.62
S SO4 N . 9.44 4.36 -32.17
O1 SO4 N . 9.43 2.91 -31.99
O2 SO4 N . 8.07 4.86 -32.32
O3 SO4 N . 10.05 4.98 -31.01
O4 SO4 N . 10.19 4.67 -33.38
S SO4 O . -1.09 -22.80 -15.19
O1 SO4 O . -0.41 -24.09 -15.27
O2 SO4 O . -1.62 -22.61 -13.85
O3 SO4 O . -0.14 -21.73 -15.50
O4 SO4 O . -2.19 -22.77 -16.16
S SO4 P . -21.86 -11.77 -15.48
O1 SO4 P . -22.13 -12.66 -16.61
O2 SO4 P . -22.81 -12.05 -14.40
O3 SO4 P . -20.50 -11.99 -15.00
O4 SO4 P . -22.00 -10.38 -15.91
S SO4 Q . -2.00 2.11 -29.08
O1 SO4 Q . -2.47 1.17 -30.09
O2 SO4 Q . -3.06 2.30 -28.11
O3 SO4 Q . -0.82 1.60 -28.41
O4 SO4 Q . -1.71 3.41 -29.69
C1 GOL R . -26.52 19.37 -13.03
O1 GOL R . -25.45 19.84 -12.23
C2 GOL R . -26.45 17.85 -13.13
O2 GOL R . -25.85 17.45 -14.33
C3 GOL R . -27.83 17.22 -12.97
O3 GOL R . -28.08 16.93 -11.62
N1 IMD S . -52.15 3.05 -7.96
C2 IMD S . -52.33 4.17 -7.21
N3 IMD S . -53.61 4.58 -7.33
C4 IMD S . -54.24 3.73 -8.16
C5 IMD S . -53.32 2.77 -8.56
#